data_4BJU
#
_entry.id   4BJU
#
_cell.length_a   74.700
_cell.length_b   86.570
_cell.length_c   185.420
_cell.angle_alpha   90.00
_cell.angle_beta   90.00
_cell.angle_gamma   90.00
#
_symmetry.space_group_name_H-M   'P 21 21 21'
#
loop_
_entity.id
_entity.type
_entity.pdbx_description
1 polymer 'N-ACETYLGLUCOSAMINE-PHOSPHATE MUTASE'
2 non-polymer 'MAGNESIUM ION'
3 water water
#
_entity_poly.entity_id   1
_entity_poly.type   'polypeptide(L)'
_entity_poly.pdbx_seq_one_letter_code
;MASPAVRKAISDAALQYAKPEGKIFQYGTAGFRMKADLLNTVVYAVGLLATLRSKKLSGQWIGVMVTA(SEP)HNPAEDN
GVKLVDPMGEMLEAEWEAYATKLANAPLENIGDVYDELVKEIDVSMENPARVVFARDTRASGSRLIGVLSAALTATEAEF
IDMKFMTTPQLHYVVRCKNTLGTQYEYGEPTEQGYYEKLAAAFKRVMRGVKVKGSLTVDCANGVGGPKLRELIKYLPEDT
GLDIKIVNDDVINPDSLNFECGADYVKTKQRAPPSSKASILDRCASLDGDADRILYYFLDEGNVFRLLDGDRIATLAASF
IGDLARSAGIAQKLKIGVVQTAYANGSSTEYIEKVLKLPSVCTNTGVKHLHHAAMRFDVGVYFEANGHGTITFSENALKT
IKNTEPQSPAQQRSLECLQALTDLINQAVGDAISDMLLVEAILAHKGWTPKEWLATYTDLPSRLVRVEVAERSIFKAYDA
ERKLESPPGLQAKIDSLQSRYNKGRSFARASGTEDAVRVYAEAASRSEADDLATRVANAVRDAGTVKEILQAS
;
_entity_poly.pdbx_strand_id   A,B
#
# COMPACT_ATOMS: atom_id res chain seq x y z
N MET A 1 -9.09 44.13 2.44
CA MET A 1 -10.42 44.78 2.28
C MET A 1 -11.17 44.38 0.99
N ALA A 2 -10.68 43.35 0.31
CA ALA A 2 -11.25 42.86 -0.97
C ALA A 2 -11.58 41.36 -0.81
N SER A 3 -12.42 40.72 -1.65
CA SER A 3 -13.00 41.18 -2.94
C SER A 3 -14.41 40.59 -3.21
N PRO A 4 -15.22 41.23 -4.09
CA PRO A 4 -16.54 40.71 -4.50
C PRO A 4 -16.58 39.29 -5.11
N ALA A 5 -15.82 39.06 -6.18
CA ALA A 5 -15.80 37.75 -6.86
C ALA A 5 -15.34 36.62 -5.94
N VAL A 6 -14.42 36.95 -5.03
CA VAL A 6 -13.91 36.02 -4.02
C VAL A 6 -14.98 35.62 -2.98
N ARG A 7 -15.73 36.60 -2.47
CA ARG A 7 -16.85 36.39 -1.54
C ARG A 7 -17.89 35.46 -2.12
N LYS A 8 -18.33 35.80 -3.32
CA LYS A 8 -19.25 34.99 -4.11
C LYS A 8 -18.72 33.55 -4.30
N ALA A 9 -17.48 33.41 -4.79
CA ALA A 9 -16.90 32.09 -5.02
C ALA A 9 -16.78 31.27 -3.73
N ILE A 10 -16.49 31.96 -2.62
CA ILE A 10 -16.42 31.32 -1.31
C ILE A 10 -17.77 30.69 -0.89
N SER A 11 -18.83 31.51 -0.87
CA SER A 11 -20.13 31.04 -0.41
C SER A 11 -20.75 30.04 -1.38
N ASP A 12 -20.38 30.15 -2.66
CA ASP A 12 -20.89 29.26 -3.73
C ASP A 12 -20.34 27.85 -3.55
N ALA A 13 -19.03 27.77 -3.36
CA ALA A 13 -18.33 26.50 -3.17
C ALA A 13 -18.66 25.87 -1.83
N ALA A 14 -18.95 26.70 -0.83
CA ALA A 14 -19.40 26.24 0.48
C ALA A 14 -20.74 25.50 0.39
N LEU A 15 -21.60 25.97 -0.52
CA LEU A 15 -22.94 25.42 -0.71
C LEU A 15 -22.92 23.97 -1.19
N GLN A 16 -21.73 23.45 -1.46
CA GLN A 16 -21.56 22.05 -1.86
C GLN A 16 -21.72 21.11 -0.68
N TYR A 17 -21.46 21.64 0.52
CA TYR A 17 -21.40 20.83 1.74
C TYR A 17 -22.50 21.22 2.74
N ALA A 18 -22.59 20.47 3.83
CA ALA A 18 -23.58 20.73 4.89
C ALA A 18 -22.96 20.49 6.27
N LYS A 19 -23.24 21.36 7.22
CA LYS A 19 -22.74 21.18 8.60
C LYS A 19 -23.46 20.02 9.30
N PRO A 20 -22.69 19.11 9.92
CA PRO A 20 -23.24 18.03 10.72
C PRO A 20 -24.11 18.54 11.87
N GLU A 21 -25.30 17.95 12.01
CA GLU A 21 -26.22 18.15 13.13
C GLU A 21 -25.94 19.43 13.94
N GLY A 22 -25.59 19.26 15.22
CA GLY A 22 -25.24 20.37 16.08
C GLY A 22 -23.80 20.26 16.59
N LYS A 23 -22.89 19.86 15.71
CA LYS A 23 -21.49 19.68 16.10
C LYS A 23 -20.77 21.02 16.31
N ILE A 24 -20.21 21.18 17.50
CA ILE A 24 -19.35 22.30 17.85
C ILE A 24 -17.92 21.81 17.67
N PHE A 25 -17.11 22.61 16.99
CA PHE A 25 -15.72 22.25 16.68
C PHE A 25 -14.69 23.07 17.47
N GLN A 26 -13.54 22.47 17.76
CA GLN A 26 -12.41 23.22 18.29
C GLN A 26 -11.08 22.77 17.67
N TYR A 27 -10.27 23.75 17.28
CA TYR A 27 -8.94 23.50 16.75
C TYR A 27 -8.00 23.38 17.94
N GLY A 28 -7.63 22.13 18.26
CA GLY A 28 -6.82 21.85 19.44
C GLY A 28 -5.36 21.76 19.07
N THR A 29 -4.61 20.98 19.84
CA THR A 29 -3.30 20.53 19.39
C THR A 29 -3.51 19.61 18.18
N ALA A 30 -2.64 19.74 17.18
CA ALA A 30 -2.74 18.97 15.93
C ALA A 30 -3.98 19.30 15.06
N GLY A 31 -4.82 20.24 15.53
CA GLY A 31 -5.87 20.82 14.69
C GLY A 31 -7.25 20.25 14.90
N PHE A 32 -8.00 20.10 13.81
CA PHE A 32 -9.28 19.39 13.84
C PHE A 32 -9.07 17.91 13.57
N ARG A 33 -9.75 17.09 14.36
CA ARG A 33 -9.59 15.64 14.33
C ARG A 33 -10.84 14.96 14.89
N MET A 34 -11.47 14.12 14.07
CA MET A 34 -12.79 13.52 14.36
C MET A 34 -13.16 12.51 13.25
N LYS A 35 -14.35 11.94 13.33
CA LYS A 35 -14.86 11.08 12.27
C LYS A 35 -14.86 11.82 10.94
N ALA A 36 -14.33 11.14 9.92
CA ALA A 36 -14.12 11.71 8.59
C ALA A 36 -15.38 12.21 7.89
N ASP A 37 -16.54 11.64 8.23
CA ASP A 37 -17.78 12.13 7.63
C ASP A 37 -18.35 13.42 8.29
N LEU A 38 -17.62 13.97 9.26
CA LEU A 38 -18.02 15.22 9.90
C LEU A 38 -17.14 16.39 9.41
N LEU A 39 -16.25 16.10 8.45
CA LEU A 39 -15.04 16.92 8.22
C LEU A 39 -15.04 17.81 6.97
N ASN A 40 -16.02 17.67 6.08
CA ASN A 40 -16.06 18.46 4.86
C ASN A 40 -15.99 19.97 5.08
N THR A 41 -16.91 20.51 5.87
CA THR A 41 -16.98 21.95 6.08
C THR A 41 -15.78 22.44 6.88
N VAL A 42 -15.22 21.56 7.71
CA VAL A 42 -14.09 21.89 8.60
C VAL A 42 -12.81 22.14 7.81
N VAL A 43 -12.48 21.19 6.92
CA VAL A 43 -11.36 21.31 5.99
C VAL A 43 -11.56 22.50 5.05
N TYR A 44 -12.81 22.79 4.69
CA TYR A 44 -13.08 23.98 3.90
C TYR A 44 -12.59 25.22 4.62
N ALA A 45 -13.00 25.33 5.90
CA ALA A 45 -12.64 26.45 6.74
C ALA A 45 -11.14 26.63 6.86
N VAL A 46 -10.41 25.52 6.97
CA VAL A 46 -8.95 25.52 7.06
C VAL A 46 -8.28 25.94 5.75
N GLY A 47 -8.88 25.60 4.61
CA GLY A 47 -8.38 26.06 3.32
C GLY A 47 -8.46 27.58 3.34
N LEU A 48 -9.58 28.10 3.81
CA LEU A 48 -9.76 29.54 3.95
C LEU A 48 -8.79 30.16 4.96
N LEU A 49 -8.55 29.49 6.09
CA LEU A 49 -7.67 30.06 7.10
C LEU A 49 -6.27 30.16 6.51
N ALA A 50 -5.86 29.08 5.85
CA ALA A 50 -4.53 28.96 5.28
C ALA A 50 -4.23 30.09 4.30
N THR A 51 -5.26 30.52 3.59
CA THR A 51 -5.12 31.58 2.62
C THR A 51 -4.75 32.85 3.37
N LEU A 52 -5.46 33.09 4.47
CA LEU A 52 -5.21 34.25 5.31
C LEU A 52 -3.86 34.20 6.02
N ARG A 53 -3.41 33.03 6.46
CA ARG A 53 -2.12 32.95 7.14
C ARG A 53 -0.96 33.30 6.20
N SER A 54 -1.05 32.82 4.96
CA SER A 54 0.00 33.00 3.98
C SER A 54 0.09 34.49 3.63
N LYS A 55 -1.07 35.08 3.36
CA LYS A 55 -1.16 36.50 3.02
C LYS A 55 -0.67 37.43 4.13
N LYS A 56 -1.08 37.13 5.37
CA LYS A 56 -0.61 37.88 6.55
C LYS A 56 0.91 37.85 6.62
N LEU A 57 1.49 36.71 6.27
CA LEU A 57 2.93 36.50 6.32
C LEU A 57 3.62 36.63 4.95
N SER A 58 3.23 37.68 4.20
CA SER A 58 3.89 38.08 2.95
C SER A 58 3.94 37.02 1.85
N GLY A 59 2.95 36.12 1.81
CA GLY A 59 2.88 35.10 0.75
C GLY A 59 3.92 34.01 0.92
N GLN A 60 4.32 33.79 2.16
CA GLN A 60 5.11 32.60 2.48
C GLN A 60 4.23 31.39 2.35
N TRP A 61 4.84 30.28 1.99
CA TRP A 61 4.15 29.00 1.91
C TRP A 61 3.71 28.58 3.29
N ILE A 62 2.43 28.20 3.38
CA ILE A 62 1.81 27.63 4.58
C ILE A 62 1.38 26.19 4.23
N GLY A 63 1.64 25.25 5.11
CA GLY A 63 1.30 23.86 4.83
C GLY A 63 0.01 23.44 5.50
N VAL A 64 -0.65 22.44 4.90
CA VAL A 64 -1.78 21.74 5.52
C VAL A 64 -1.47 20.25 5.45
N MET A 65 -1.64 19.55 6.57
CA MET A 65 -1.38 18.13 6.65
C MET A 65 -2.72 17.50 6.97
N VAL A 66 -3.15 16.57 6.14
CA VAL A 66 -4.39 15.84 6.37
C VAL A 66 -4.03 14.45 6.90
N THR A 67 -4.32 14.23 8.19
CA THR A 67 -3.99 13.00 8.91
C THR A 67 -4.72 13.02 10.24
N ALA A 68 -4.92 11.84 10.83
CA ALA A 68 -5.39 11.74 12.20
C ALA A 68 -4.43 10.91 13.04
N HIS A 70 -2.53 8.51 15.15
CA HIS A 70 -2.79 7.19 15.84
C HIS A 70 -4.17 6.63 15.56
N ASN A 71 -5.09 7.51 15.16
CA ASN A 71 -6.52 7.21 15.18
C ASN A 71 -6.94 6.16 14.16
N PRO A 72 -8.06 5.45 14.41
CA PRO A 72 -8.55 4.42 13.49
C PRO A 72 -8.95 4.94 12.10
N ALA A 73 -8.83 4.05 11.12
CA ALA A 73 -9.14 4.29 9.70
C ALA A 73 -10.25 5.28 9.34
N GLU A 74 -11.27 5.41 10.19
CA GLU A 74 -12.43 6.18 9.80
C GLU A 74 -12.37 7.62 10.31
N ASP A 75 -11.32 7.96 11.04
CA ASP A 75 -11.08 9.35 11.38
C ASP A 75 -10.19 9.98 10.31
N ASN A 76 -10.21 11.30 10.26
CA ASN A 76 -9.15 12.03 9.63
C ASN A 76 -8.93 13.33 10.38
N GLY A 77 -8.09 14.18 9.84
CA GLY A 77 -7.77 15.42 10.51
C GLY A 77 -7.04 16.36 9.58
N VAL A 78 -6.75 17.55 10.08
CA VAL A 78 -6.25 18.64 9.26
C VAL A 78 -5.60 19.66 10.21
N LYS A 79 -4.38 20.08 9.88
CA LYS A 79 -3.68 21.07 10.67
C LYS A 79 -2.82 21.96 9.80
N LEU A 80 -2.66 23.22 10.20
CA LEU A 80 -1.82 24.16 9.48
C LEU A 80 -0.40 24.09 9.98
N VAL A 81 0.53 24.31 9.07
CA VAL A 81 1.94 24.35 9.38
C VAL A 81 2.46 25.72 8.96
N ASP A 82 3.11 26.41 9.90
CA ASP A 82 3.61 27.76 9.67
C ASP A 82 4.92 27.74 8.85
N PRO A 83 5.35 28.90 8.33
CA PRO A 83 6.44 28.98 7.33
C PRO A 83 7.74 28.23 7.62
N MET A 84 8.13 28.16 8.90
CA MET A 84 9.37 27.50 9.27
C MET A 84 9.14 26.05 9.68
N GLY A 85 8.00 25.52 9.27
CA GLY A 85 7.63 24.16 9.61
C GLY A 85 7.18 24.02 11.06
N GLU A 86 6.94 25.13 11.73
CA GLU A 86 6.47 25.01 13.11
C GLU A 86 4.95 24.97 13.18
N MET A 87 4.45 24.46 14.30
CA MET A 87 3.03 24.37 14.51
C MET A 87 2.40 25.77 14.50
N LEU A 88 1.24 25.87 13.86
CA LEU A 88 0.44 27.09 13.81
C LEU A 88 0.44 27.88 15.14
N GLU A 89 0.69 29.20 15.05
CA GLU A 89 0.69 30.12 16.19
C GLU A 89 -0.55 29.95 17.06
N ALA A 90 -0.32 29.81 18.36
CA ALA A 90 -1.37 29.51 19.33
C ALA A 90 -2.63 30.34 19.16
N GLU A 91 -2.46 31.63 18.88
CA GLU A 91 -3.61 32.52 18.78
C GLU A 91 -4.43 32.35 17.48
N TRP A 92 -3.86 31.69 16.48
CA TRP A 92 -4.58 31.44 15.22
C TRP A 92 -5.49 30.22 15.30
N GLU A 93 -5.30 29.40 16.33
CA GLU A 93 -6.19 28.27 16.61
C GLU A 93 -7.63 28.77 16.77
N ALA A 94 -7.78 29.86 17.51
CA ALA A 94 -9.09 30.48 17.74
C ALA A 94 -9.78 31.02 16.46
N TYR A 95 -9.01 31.40 15.43
CA TYR A 95 -9.57 31.79 14.13
C TYR A 95 -10.12 30.58 13.38
N ALA A 96 -9.31 29.53 13.31
CA ALA A 96 -9.74 28.27 12.71
C ALA A 96 -11.08 27.86 13.31
N THR A 97 -11.15 27.91 14.64
CA THR A 97 -12.33 27.55 15.41
C THR A 97 -13.56 28.41 15.06
N LYS A 98 -13.36 29.73 14.96
CA LYS A 98 -14.41 30.65 14.54
C LYS A 98 -14.96 30.30 13.15
N LEU A 99 -14.06 29.97 12.21
CA LEU A 99 -14.47 29.59 10.85
C LEU A 99 -15.19 28.25 10.78
N ALA A 100 -14.71 27.27 11.55
CA ALA A 100 -15.33 25.93 11.59
C ALA A 100 -16.76 25.98 12.12
N ASN A 101 -16.98 26.83 13.13
CA ASN A 101 -18.25 26.91 13.84
C ASN A 101 -19.26 27.85 13.20
N ALA A 102 -18.87 28.52 12.11
CA ALA A 102 -19.79 29.40 11.42
C ALA A 102 -20.85 28.59 10.68
N PRO A 103 -22.09 29.12 10.59
CA PRO A 103 -22.97 28.59 9.54
C PRO A 103 -22.32 28.82 8.18
N LEU A 104 -22.54 27.88 7.26
CA LEU A 104 -21.94 27.89 5.93
C LEU A 104 -22.38 29.05 5.05
N GLU A 105 -23.65 29.43 5.17
CA GLU A 105 -24.24 30.52 4.40
C GLU A 105 -23.56 31.84 4.76
N ASN A 106 -22.91 31.86 5.93
CA ASN A 106 -22.30 33.07 6.47
C ASN A 106 -20.77 33.06 6.41
N ILE A 107 -20.20 31.93 6.00
CA ILE A 107 -18.74 31.75 6.02
C ILE A 107 -17.96 32.78 5.19
N GLY A 108 -18.57 33.30 4.13
CA GLY A 108 -17.94 34.35 3.32
C GLY A 108 -17.77 35.66 4.06
N ASP A 109 -18.64 35.89 5.04
CA ASP A 109 -18.62 37.12 5.84
C ASP A 109 -17.69 37.04 7.03
N VAL A 110 -17.54 35.83 7.55
CA VAL A 110 -16.61 35.58 8.64
C VAL A 110 -15.19 35.67 8.10
N TYR A 111 -15.00 35.27 6.85
CA TYR A 111 -13.73 35.50 6.13
C TYR A 111 -13.41 37.00 6.07
N ASP A 112 -14.43 37.83 5.78
CA ASP A 112 -14.28 39.30 5.71
C ASP A 112 -13.98 39.91 7.09
N GLU A 113 -14.67 39.38 8.09
CA GLU A 113 -14.48 39.73 9.49
C GLU A 113 -13.02 39.56 9.86
N LEU A 114 -12.41 38.48 9.36
CA LEU A 114 -11.03 38.11 9.70
C LEU A 114 -9.99 38.87 8.93
N VAL A 115 -10.25 39.17 7.65
CA VAL A 115 -9.33 40.00 6.88
C VAL A 115 -9.25 41.41 7.44
N LYS A 116 -10.28 41.82 8.19
CA LYS A 116 -10.28 43.09 8.90
C LYS A 116 -9.66 42.96 10.30
N GLU A 117 -9.99 41.92 11.05
CA GLU A 117 -9.44 41.76 12.40
C GLU A 117 -7.94 41.48 12.36
N ILE A 118 -7.51 40.68 11.40
CA ILE A 118 -6.10 40.27 11.28
C ILE A 118 -5.25 41.33 10.57
N ASP A 119 -5.90 42.15 9.74
CA ASP A 119 -5.21 43.23 9.02
C ASP A 119 -4.25 42.64 7.98
N VAL A 120 -4.84 42.02 6.95
CA VAL A 120 -4.09 41.31 5.92
C VAL A 120 -3.90 42.14 4.64
N SER A 121 -2.71 42.04 4.05
CA SER A 121 -2.41 42.71 2.78
C SER A 121 -2.82 41.80 1.61
N MET A 122 -3.68 42.33 0.74
CA MET A 122 -4.25 41.55 -0.36
C MET A 122 -3.43 41.64 -1.64
N GLU A 123 -2.26 42.29 -1.54
CA GLU A 123 -1.32 42.39 -2.67
C GLU A 123 -0.82 41.00 -2.99
N ASN A 124 -0.52 40.26 -1.94
CA ASN A 124 0.15 38.98 -2.08
C ASN A 124 -0.85 37.88 -2.35
N PRO A 125 -0.50 36.97 -3.28
CA PRO A 125 -1.26 35.74 -3.42
C PRO A 125 -0.94 34.84 -2.24
N ALA A 126 -1.93 34.06 -1.82
CA ALA A 126 -1.70 33.03 -0.85
C ALA A 126 -1.03 31.86 -1.54
N ARG A 127 -0.16 31.17 -0.82
CA ARG A 127 0.53 30.00 -1.33
C ARG A 127 0.47 28.90 -0.27
N VAL A 128 -0.14 27.77 -0.64
CA VAL A 128 -0.25 26.64 0.30
C VAL A 128 0.16 25.28 -0.28
N VAL A 129 0.99 24.55 0.46
CA VAL A 129 1.37 23.18 0.12
C VAL A 129 0.59 22.24 1.02
N PHE A 130 0.14 21.13 0.46
CA PHE A 130 -0.49 20.14 1.30
C PHE A 130 -0.10 18.71 0.96
N ALA A 131 -0.34 17.83 1.91
CA ALA A 131 -0.18 16.40 1.72
C ALA A 131 -1.10 15.65 2.69
N ARG A 132 -1.19 14.34 2.52
CA ARG A 132 -2.06 13.53 3.35
C ARG A 132 -1.41 12.19 3.65
N ASP A 133 -1.99 11.47 4.61
CA ASP A 133 -1.61 10.08 4.84
C ASP A 133 -2.43 9.15 3.94
N THR A 134 -2.58 7.89 4.33
CA THR A 134 -3.15 6.87 3.47
C THR A 134 -4.65 6.66 3.64
N ARG A 135 -5.27 7.44 4.53
CA ARG A 135 -6.71 7.33 4.84
C ARG A 135 -7.61 7.35 3.61
N ALA A 136 -8.73 6.62 3.65
CA ALA A 136 -9.69 6.53 2.54
C ALA A 136 -10.38 7.86 2.22
N SER A 137 -10.62 8.67 3.25
CA SER A 137 -11.29 9.95 3.07
C SER A 137 -10.34 11.05 2.52
N GLY A 138 -9.06 10.75 2.42
CA GLY A 138 -8.05 11.76 2.05
C GLY A 138 -8.43 12.46 0.76
N SER A 139 -8.73 11.65 -0.25
CA SER A 139 -8.97 12.15 -1.60
C SER A 139 -10.12 13.14 -1.64
N ARG A 140 -11.21 12.80 -0.95
CA ARG A 140 -12.37 13.67 -0.89
C ARG A 140 -12.01 14.99 -0.20
N LEU A 141 -11.32 14.88 0.93
CA LEU A 141 -10.94 16.03 1.73
C LEU A 141 -9.95 16.97 1.03
N ILE A 142 -9.03 16.39 0.25
CA ILE A 142 -8.13 17.17 -0.63
C ILE A 142 -8.91 17.94 -1.70
N GLY A 143 -9.99 17.33 -2.21
CA GLY A 143 -10.94 18.03 -3.10
C GLY A 143 -11.64 19.21 -2.44
N VAL A 144 -11.99 19.04 -1.16
CA VAL A 144 -12.62 20.11 -0.37
C VAL A 144 -11.64 21.25 -0.16
N LEU A 145 -10.45 20.91 0.34
CA LEU A 145 -9.35 21.84 0.49
C LEU A 145 -9.05 22.65 -0.78
N SER A 146 -9.04 21.95 -1.92
CA SER A 146 -8.74 22.52 -3.21
C SER A 146 -9.83 23.45 -3.73
N ALA A 147 -11.09 23.13 -3.43
CA ALA A 147 -12.21 24.02 -3.77
C ALA A 147 -12.14 25.33 -2.96
N ALA A 148 -11.73 25.24 -1.69
CA ALA A 148 -11.53 26.41 -0.86
C ALA A 148 -10.40 27.31 -1.40
N LEU A 149 -9.27 26.68 -1.72
CA LEU A 149 -8.10 27.40 -2.21
C LEU A 149 -8.35 28.04 -3.56
N THR A 150 -9.22 27.41 -4.35
CA THR A 150 -9.55 27.91 -5.66
C THR A 150 -10.44 29.13 -5.50
N ALA A 151 -11.41 29.03 -4.59
CA ALA A 151 -12.33 30.15 -4.34
C ALA A 151 -11.55 31.37 -3.86
N THR A 152 -10.43 31.14 -3.16
CA THR A 152 -9.62 32.24 -2.67
C THR A 152 -8.54 32.68 -3.64
N GLU A 153 -8.43 31.98 -4.77
CA GLU A 153 -7.42 32.28 -5.79
C GLU A 153 -6.00 32.14 -5.23
N ALA A 154 -5.83 31.17 -4.34
CA ALA A 154 -4.52 30.80 -3.83
C ALA A 154 -3.76 30.01 -4.88
N GLU A 155 -2.44 30.10 -4.79
CA GLU A 155 -1.58 29.13 -5.44
C GLU A 155 -1.41 27.90 -4.52
N PHE A 156 -1.52 26.70 -5.08
CA PHE A 156 -1.30 25.50 -4.26
C PHE A 156 -0.56 24.37 -4.95
N ILE A 157 0.11 23.58 -4.13
CA ILE A 157 0.78 22.38 -4.58
C ILE A 157 0.26 21.19 -3.75
N ASP A 158 -0.17 20.16 -4.46
CA ASP A 158 -0.59 18.91 -3.87
C ASP A 158 0.66 18.05 -3.85
N MET A 159 1.23 17.87 -2.65
CA MET A 159 2.43 17.03 -2.49
C MET A 159 2.08 15.56 -2.30
N LYS A 160 0.81 15.22 -2.50
CA LYS A 160 0.39 13.80 -2.52
C LYS A 160 0.46 13.12 -1.14
N PHE A 161 1.12 11.98 -1.08
CA PHE A 161 1.19 11.24 0.15
C PHE A 161 2.54 11.53 0.79
N MET A 162 2.52 11.98 2.04
CA MET A 162 3.77 12.22 2.76
C MET A 162 3.57 11.89 4.22
N THR A 163 4.66 11.63 4.93
CA THR A 163 4.60 11.62 6.38
C THR A 163 4.39 13.06 6.86
N THR A 164 3.92 13.23 8.10
CA THR A 164 3.80 14.57 8.67
C THR A 164 5.16 15.36 8.68
N PRO A 165 6.25 14.72 9.15
CA PRO A 165 7.51 15.44 9.14
C PRO A 165 7.97 15.88 7.74
N GLN A 166 7.68 15.08 6.72
CA GLN A 166 8.03 15.42 5.35
C GLN A 166 7.32 16.68 4.88
N LEU A 167 6.09 16.86 5.37
CA LEU A 167 5.33 18.04 5.02
C LEU A 167 5.84 19.26 5.79
N HIS A 168 6.33 19.06 7.02
CA HIS A 168 6.97 20.19 7.73
C HIS A 168 8.31 20.51 7.07
N TYR A 169 9.02 19.47 6.63
CA TYR A 169 10.28 19.67 5.92
C TYR A 169 10.09 20.53 4.67
N VAL A 170 9.10 20.19 3.84
CA VAL A 170 8.88 20.88 2.56
C VAL A 170 8.60 22.38 2.78
N VAL A 171 7.65 22.66 3.67
CA VAL A 171 7.26 24.02 4.04
C VAL A 171 8.47 24.88 4.40
N ARG A 172 9.28 24.38 5.33
CA ARG A 172 10.45 25.12 5.78
C ARG A 172 11.45 25.36 4.64
N CYS A 173 11.69 24.33 3.83
CA CYS A 173 12.58 24.46 2.66
C CYS A 173 12.10 25.55 1.71
N LYS A 174 10.79 25.55 1.44
CA LYS A 174 10.23 26.42 0.41
C LYS A 174 10.40 27.86 0.83
N ASN A 175 10.36 28.07 2.16
CA ASN A 175 10.46 29.39 2.74
C ASN A 175 11.90 29.78 3.09
N THR A 176 12.86 28.85 2.95
CA THR A 176 14.26 29.14 3.23
C THR A 176 15.17 29.13 2.01
N LEU A 177 14.74 28.60 0.89
CA LEU A 177 15.53 28.73 -0.33
C LEU A 177 15.96 30.20 -0.54
N GLY A 178 17.19 30.40 -1.01
CA GLY A 178 17.73 31.75 -1.28
C GLY A 178 18.25 32.49 -0.06
N THR A 179 18.05 31.84 1.09
CA THR A 179 18.32 32.35 2.41
C THR A 179 19.75 31.93 2.84
N GLN A 180 20.15 32.31 4.05
CA GLN A 180 21.44 31.93 4.63
C GLN A 180 21.40 30.56 5.29
N TYR A 181 20.20 30.14 5.64
CA TYR A 181 19.94 28.89 6.31
C TYR A 181 18.94 28.12 5.46
N GLU A 182 19.40 27.63 4.31
CA GLU A 182 18.60 26.83 3.42
C GLU A 182 18.43 25.42 4.00
N TYR A 183 17.18 25.01 4.15
CA TYR A 183 16.87 23.75 4.81
C TYR A 183 16.95 22.55 3.87
N GLY A 184 16.89 22.79 2.57
CA GLY A 184 17.06 21.74 1.58
C GLY A 184 16.17 21.94 0.38
N GLU A 185 16.20 20.96 -0.52
CA GLU A 185 15.35 20.94 -1.69
C GLU A 185 13.92 20.51 -1.30
N PRO A 186 12.90 21.32 -1.66
CA PRO A 186 11.55 21.08 -1.15
C PRO A 186 10.78 19.95 -1.84
N THR A 187 11.42 18.80 -2.00
CA THR A 187 10.76 17.64 -2.59
C THR A 187 10.93 16.47 -1.65
N GLU A 188 10.11 15.45 -1.85
CA GLU A 188 10.27 14.21 -1.12
C GLU A 188 11.69 13.68 -1.36
N GLN A 189 12.14 13.73 -2.62
CA GLN A 189 13.49 13.30 -3.00
C GLN A 189 14.55 13.99 -2.15
N GLY A 190 14.44 15.32 -2.01
CA GLY A 190 15.38 16.11 -1.21
C GLY A 190 15.40 15.72 0.23
N TYR A 191 14.22 15.40 0.77
CA TYR A 191 14.15 14.89 2.11
C TYR A 191 15.01 13.64 2.27
N TYR A 192 14.90 12.71 1.33
CA TYR A 192 15.64 11.46 1.41
C TYR A 192 17.12 11.68 1.30
N GLU A 193 17.55 12.52 0.35
CA GLU A 193 18.96 12.78 0.11
C GLU A 193 19.58 13.41 1.35
N LYS A 194 18.87 14.37 1.94
CA LYS A 194 19.37 15.06 3.11
C LYS A 194 19.58 14.10 4.28
N LEU A 195 18.59 13.27 4.57
CA LEU A 195 18.71 12.22 5.58
C LEU A 195 19.84 11.26 5.27
N ALA A 196 19.93 10.82 4.01
CA ALA A 196 20.96 9.87 3.61
C ALA A 196 22.35 10.47 3.85
N ALA A 197 22.59 11.66 3.29
CA ALA A 197 23.90 12.30 3.37
C ALA A 197 24.34 12.52 4.81
N ALA A 198 23.42 12.95 5.67
CA ALA A 198 23.77 13.20 7.06
C ALA A 198 24.05 11.89 7.82
N PHE A 199 23.20 10.89 7.63
CA PHE A 199 23.38 9.57 8.25
C PHE A 199 24.74 9.00 7.90
N LYS A 200 25.11 9.13 6.62
CA LYS A 200 26.42 8.76 6.12
C LYS A 200 27.57 9.40 6.92
N ARG A 201 27.48 10.70 7.22
CA ARG A 201 28.55 11.38 7.96
C ARG A 201 28.62 10.94 9.40
N VAL A 202 27.45 10.88 10.04
CA VAL A 202 27.36 10.43 11.42
C VAL A 202 27.94 9.03 11.54
N MET A 203 27.73 8.21 10.50
CA MET A 203 28.13 6.81 10.52
C MET A 203 29.58 6.51 10.12
N ARG A 204 30.37 7.55 9.86
CA ARG A 204 31.74 7.34 9.37
C ARG A 204 32.55 6.43 10.30
N GLY A 205 32.98 5.29 9.76
CA GLY A 205 33.94 4.39 10.43
C GLY A 205 33.36 3.57 11.58
N VAL A 206 32.05 3.39 11.56
CA VAL A 206 31.38 2.61 12.57
C VAL A 206 30.20 1.84 11.92
N LYS A 207 29.63 0.89 12.65
CA LYS A 207 28.72 -0.06 12.06
C LYS A 207 27.54 -0.43 12.96
N VAL A 208 26.34 -0.52 12.38
CA VAL A 208 25.14 -1.02 13.06
C VAL A 208 25.25 -2.55 13.14
N LYS A 209 24.91 -3.12 14.28
CA LYS A 209 24.95 -4.58 14.42
C LYS A 209 23.54 -5.12 14.55
N GLY A 210 23.24 -6.15 13.75
CA GLY A 210 21.96 -6.84 13.82
C GLY A 210 20.88 -6.02 13.12
N SER A 211 19.76 -6.67 12.83
CA SER A 211 18.72 -6.05 12.04
C SER A 211 17.82 -5.17 12.88
N LEU A 212 16.97 -4.42 12.18
CA LEU A 212 15.97 -3.61 12.80
C LEU A 212 14.67 -3.95 12.10
N THR A 213 13.69 -4.39 12.88
CA THR A 213 12.38 -4.73 12.35
C THR A 213 11.43 -3.62 12.72
N VAL A 214 10.93 -2.95 11.69
CA VAL A 214 10.16 -1.72 11.84
C VAL A 214 8.71 -1.95 11.49
N ASP A 215 7.87 -1.82 12.51
CA ASP A 215 6.43 -1.87 12.33
C ASP A 215 5.94 -0.50 11.87
N CYS A 216 5.37 -0.46 10.67
CA CYS A 216 5.00 0.81 10.07
C CYS A 216 3.54 1.17 10.14
N ALA A 217 2.81 0.54 11.07
CA ALA A 217 1.41 0.90 11.33
C ALA A 217 0.49 0.74 10.13
N ASN A 218 0.96 0.10 9.07
CA ASN A 218 0.17 0.00 7.83
C ASN A 218 -0.12 1.41 7.31
N GLY A 219 0.79 2.32 7.64
CA GLY A 219 0.61 3.73 7.37
C GLY A 219 1.58 4.28 6.34
N VAL A 220 1.49 5.58 6.09
CA VAL A 220 2.33 6.25 5.11
C VAL A 220 3.86 6.11 5.40
N GLY A 221 4.24 5.99 6.66
CA GLY A 221 5.64 5.76 7.00
C GLY A 221 6.28 4.54 6.34
N GLY A 222 5.45 3.54 5.99
CA GLY A 222 5.95 2.29 5.41
C GLY A 222 6.54 2.42 4.02
N PRO A 223 5.75 2.87 3.04
CA PRO A 223 6.30 3.16 1.72
C PRO A 223 7.38 4.27 1.71
N LYS A 224 7.32 5.23 2.64
CA LYS A 224 8.33 6.31 2.69
C LYS A 224 9.64 5.77 3.25
N LEU A 225 9.55 4.94 4.28
CA LEU A 225 10.74 4.29 4.80
C LEU A 225 11.38 3.48 3.68
N ARG A 226 10.58 2.67 2.99
CA ARG A 226 11.12 1.86 1.88
C ARG A 226 11.82 2.74 0.83
N GLU A 227 11.18 3.85 0.46
CA GLU A 227 11.80 4.77 -0.51
C GLU A 227 13.10 5.35 0.04
N LEU A 228 13.12 5.76 1.31
CA LEU A 228 14.34 6.27 1.93
C LEU A 228 15.52 5.28 1.86
N ILE A 229 15.23 4.02 2.12
CA ILE A 229 16.23 2.96 2.14
C ILE A 229 17.01 2.91 0.84
N LYS A 230 16.35 3.20 -0.27
CA LYS A 230 17.02 3.21 -1.59
C LYS A 230 18.12 4.27 -1.62
N TYR A 231 17.99 5.32 -0.80
CA TYR A 231 18.94 6.44 -0.80
C TYR A 231 20.07 6.27 0.21
N LEU A 232 19.89 5.41 1.20
CA LEU A 232 20.88 5.25 2.27
C LEU A 232 22.17 4.61 1.80
N PRO A 233 23.28 4.90 2.51
CA PRO A 233 24.58 4.33 2.17
C PRO A 233 24.63 2.82 2.41
N GLU A 234 25.66 2.18 1.84
CA GLU A 234 25.74 0.73 1.79
C GLU A 234 26.50 0.05 2.93
N ASP A 235 27.65 0.61 3.34
CA ASP A 235 28.48 -0.08 4.35
C ASP A 235 28.34 0.46 5.77
N THR A 236 27.09 0.75 6.15
CA THR A 236 26.79 1.19 7.50
C THR A 236 26.33 0.00 8.36
N GLY A 237 26.09 -1.13 7.70
CA GLY A 237 25.51 -2.32 8.34
C GLY A 237 24.07 -2.11 8.83
N LEU A 238 23.37 -1.13 8.29
CA LEU A 238 21.93 -1.01 8.60
C LEU A 238 21.15 -2.01 7.77
N ASP A 239 20.31 -2.78 8.44
CA ASP A 239 19.46 -3.78 7.79
C ASP A 239 18.04 -3.64 8.32
N ILE A 240 17.21 -2.95 7.55
CA ILE A 240 15.86 -2.67 7.99
C ILE A 240 14.87 -3.64 7.39
N LYS A 241 14.15 -4.33 8.24
CA LYS A 241 13.04 -5.19 7.82
C LYS A 241 11.76 -4.42 8.07
N ILE A 242 10.99 -4.21 7.02
CA ILE A 242 9.72 -3.50 7.18
C ILE A 242 8.60 -4.52 7.37
N VAL A 243 7.78 -4.31 8.41
CA VAL A 243 6.55 -5.07 8.59
C VAL A 243 5.40 -4.09 8.80
N ASN A 244 4.18 -4.58 8.54
CA ASN A 244 2.94 -3.79 8.61
C ASN A 244 2.96 -2.61 7.69
N ASP A 245 2.97 -2.91 6.41
CA ASP A 245 2.94 -1.90 5.39
C ASP A 245 1.73 -2.12 4.48
N ASP A 246 0.65 -2.60 5.07
CA ASP A 246 -0.53 -2.96 4.31
C ASP A 246 -1.38 -1.72 4.01
N VAL A 247 -0.78 -0.77 3.29
CA VAL A 247 -1.32 0.56 3.02
C VAL A 247 -2.50 0.56 2.07
N ILE A 248 -2.59 -0.47 1.22
CA ILE A 248 -3.70 -0.58 0.26
C ILE A 248 -5.05 -0.82 0.94
N ASN A 249 -5.04 -1.45 2.10
CA ASN A 249 -6.28 -1.73 2.87
C ASN A 249 -6.44 -0.72 3.99
N PRO A 250 -7.39 0.24 3.83
CA PRO A 250 -7.54 1.29 4.84
C PRO A 250 -7.82 0.74 6.25
N ASP A 251 -8.61 -0.35 6.33
CA ASP A 251 -8.92 -1.05 7.61
C ASP A 251 -7.72 -1.46 8.44
N SER A 252 -6.56 -1.57 7.79
CA SER A 252 -5.33 -2.02 8.42
C SER A 252 -4.60 -0.89 9.20
N LEU A 253 -4.96 0.36 8.95
CA LEU A 253 -4.22 1.48 9.52
C LEU A 253 -4.28 1.47 11.04
N ASN A 254 -3.12 1.41 11.69
CA ASN A 254 -3.09 1.45 13.16
C ASN A 254 -3.86 0.30 13.84
N PHE A 255 -4.28 -0.70 13.06
CA PHE A 255 -4.96 -1.91 13.59
C PHE A 255 -4.01 -2.89 14.28
N GLU A 256 -4.05 -2.87 15.61
CA GLU A 256 -3.18 -3.72 16.45
C GLU A 256 -1.66 -3.57 16.18
N CYS A 257 -1.27 -2.37 15.75
CA CYS A 257 0.11 -1.89 15.55
C CYS A 257 -0.07 -0.36 15.52
N GLY A 258 0.92 0.49 15.29
CA GLY A 258 2.29 0.38 15.70
C GLY A 258 2.41 1.21 16.96
N ALA A 259 2.95 2.43 16.86
CA ALA A 259 3.54 3.08 18.04
C ALA A 259 2.59 3.34 19.21
N ASP A 260 1.46 3.99 18.93
CA ASP A 260 0.48 4.22 19.98
C ASP A 260 -0.01 2.90 20.62
N TYR A 261 -0.23 1.88 19.80
CA TYR A 261 -0.66 0.55 20.28
C TYR A 261 0.37 -0.07 21.25
N VAL A 262 1.63 -0.09 20.82
CA VAL A 262 2.73 -0.64 21.58
C VAL A 262 2.92 0.10 22.92
N LYS A 263 2.87 1.42 22.86
CA LYS A 263 3.08 2.25 24.05
C LYS A 263 1.95 2.09 25.08
N THR A 264 0.69 2.21 24.64
CA THR A 264 -0.44 2.21 25.58
C THR A 264 -0.79 0.80 26.10
N LYS A 265 -0.58 -0.23 25.30
CA LYS A 265 -0.87 -1.60 25.75
C LYS A 265 0.39 -2.29 26.27
N GLN A 266 1.53 -1.61 26.16
CA GLN A 266 2.83 -2.13 26.64
C GLN A 266 3.12 -3.58 26.22
N ARG A 267 2.89 -3.88 24.95
CA ARG A 267 3.22 -5.18 24.37
C ARG A 267 3.48 -5.03 22.87
N ALA A 268 4.10 -6.05 22.29
CA ALA A 268 4.39 -6.08 20.86
C ALA A 268 3.08 -6.23 20.07
N PRO A 269 3.08 -5.85 18.78
CA PRO A 269 1.91 -6.18 17.98
C PRO A 269 1.70 -7.69 18.01
N PRO A 270 0.42 -8.14 18.10
CA PRO A 270 0.13 -9.58 18.09
C PRO A 270 0.61 -10.26 16.81
N SER A 271 0.56 -9.55 15.68
CA SER A 271 1.00 -10.10 14.38
C SER A 271 2.52 -10.28 14.23
N SER A 272 3.30 -9.62 15.09
CA SER A 272 4.77 -9.71 15.13
C SER A 272 5.35 -11.13 15.03
N LYS A 273 6.34 -11.28 14.14
CA LYS A 273 7.08 -12.53 13.93
C LYS A 273 8.55 -12.40 14.31
N ALA A 274 8.88 -11.37 15.08
CA ALA A 274 10.27 -11.14 15.48
C ALA A 274 10.69 -12.17 16.50
N SER A 275 11.98 -12.52 16.48
CA SER A 275 12.54 -13.55 17.37
C SER A 275 13.10 -12.93 18.63
N ILE A 276 13.70 -13.76 19.49
CA ILE A 276 14.28 -13.29 20.74
C ILE A 276 15.45 -12.37 20.44
N LEU A 277 15.47 -11.22 21.10
CA LEU A 277 16.56 -10.21 20.96
C LEU A 277 16.58 -9.41 19.65
N ASP A 278 15.72 -9.74 18.69
CA ASP A 278 15.55 -8.90 17.49
C ASP A 278 15.22 -7.48 17.91
N ARG A 279 16.07 -6.52 17.51
CA ARG A 279 15.82 -5.09 17.77
C ARG A 279 14.62 -4.62 16.95
N CYS A 280 13.69 -3.91 17.58
CA CYS A 280 12.44 -3.52 16.92
C CYS A 280 12.04 -2.06 17.11
N ALA A 281 11.18 -1.54 16.25
CA ALA A 281 10.61 -0.20 16.48
C ALA A 281 9.23 -0.11 15.88
N SER A 282 8.39 0.75 16.46
CA SER A 282 7.09 1.06 15.87
C SER A 282 6.95 2.54 15.56
N LEU A 283 6.56 2.83 14.32
CA LEU A 283 6.17 4.16 13.88
C LEU A 283 4.68 4.33 14.15
N ASP A 284 4.21 5.57 14.34
CA ASP A 284 2.74 5.77 14.31
C ASP A 284 2.29 5.99 12.86
N GLY A 285 0.99 6.17 12.68
CA GLY A 285 0.36 6.23 11.35
C GLY A 285 0.75 7.38 10.42
N ASP A 286 1.28 8.48 10.95
CA ASP A 286 1.77 9.60 10.14
C ASP A 286 3.26 9.81 10.38
N ALA A 287 3.84 8.85 11.08
CA ALA A 287 5.27 8.73 11.29
C ALA A 287 5.95 9.94 11.95
N ASP A 288 5.30 10.51 12.98
CA ASP A 288 5.95 11.53 13.81
C ASP A 288 6.24 11.02 15.22
N ARG A 289 5.95 9.74 15.45
CA ARG A 289 6.24 9.07 16.72
C ARG A 289 6.95 7.74 16.48
N ILE A 290 7.84 7.36 17.38
CA ILE A 290 8.50 6.07 17.32
C ILE A 290 8.83 5.55 18.71
N LEU A 291 8.72 4.24 18.89
CA LEU A 291 9.49 3.58 19.93
C LEU A 291 10.12 2.26 19.62
N TYR A 292 11.11 1.93 20.43
CA TYR A 292 11.86 0.71 20.32
C TYR A 292 11.35 -0.33 21.33
N TYR A 293 11.61 -1.61 21.06
CA TYR A 293 11.31 -2.71 21.96
C TYR A 293 12.02 -3.96 21.49
N PHE A 294 12.02 -4.97 22.35
CA PHE A 294 12.57 -6.28 22.02
C PHE A 294 12.07 -7.33 23.01
N LEU A 295 12.13 -8.59 22.57
CA LEU A 295 11.92 -9.70 23.47
C LEU A 295 13.28 -10.07 24.07
N ASP A 296 13.39 -10.03 25.39
CA ASP A 296 14.64 -10.40 26.05
C ASP A 296 14.82 -11.93 26.12
N GLU A 297 15.93 -12.38 26.71
CA GLU A 297 16.32 -13.81 26.69
C GLU A 297 15.22 -14.75 27.19
N GLY A 298 14.53 -14.36 28.27
CA GLY A 298 13.47 -15.18 28.87
C GLY A 298 12.13 -15.04 28.17
N ASN A 299 12.13 -14.29 27.06
CA ASN A 299 10.99 -14.10 26.15
C ASN A 299 10.01 -13.01 26.62
N VAL A 300 10.54 -12.00 27.33
CA VAL A 300 9.69 -10.94 27.88
C VAL A 300 9.78 -9.67 27.05
N PHE A 301 8.61 -9.10 26.74
CA PHE A 301 8.54 -7.84 26.00
C PHE A 301 9.19 -6.73 26.81
N ARG A 302 10.14 -6.04 26.18
CA ARG A 302 10.79 -4.90 26.80
C ARG A 302 10.65 -3.63 25.98
N LEU A 303 9.87 -2.69 26.52
CA LEU A 303 9.66 -1.38 25.90
C LEU A 303 10.81 -0.39 26.12
N LEU A 304 11.17 0.32 25.04
CA LEU A 304 12.13 1.44 25.10
C LEU A 304 11.44 2.67 24.49
N ASP A 305 10.75 3.43 25.35
CA ASP A 305 9.85 4.46 24.87
C ASP A 305 10.56 5.80 24.66
N GLY A 306 9.79 6.87 24.48
CA GLY A 306 10.34 8.21 24.24
C GLY A 306 11.36 8.67 25.26
N ASP A 307 11.11 8.43 26.54
CA ASP A 307 12.06 8.83 27.58
C ASP A 307 13.39 8.07 27.47
N ARG A 308 13.31 6.75 27.30
CA ARG A 308 14.45 5.92 26.90
C ARG A 308 15.28 6.52 25.74
N ILE A 309 14.61 6.90 24.66
CA ILE A 309 15.27 7.57 23.52
C ILE A 309 15.88 8.94 23.90
N ALA A 310 15.17 9.69 24.75
CA ALA A 310 15.63 10.99 25.22
C ALA A 310 16.96 10.88 25.99
N THR A 311 17.04 9.95 26.94
CA THR A 311 18.27 9.74 27.73
C THR A 311 19.35 9.10 26.85
N LEU A 312 18.94 8.35 25.85
CA LEU A 312 19.90 7.84 24.88
C LEU A 312 20.55 8.98 24.10
N ALA A 313 19.73 9.89 23.57
CA ALA A 313 20.16 11.04 22.80
C ALA A 313 20.99 12.00 23.66
N ALA A 314 20.52 12.28 24.87
CA ALA A 314 21.22 13.16 25.79
C ALA A 314 22.61 12.62 26.18
N SER A 315 22.72 11.31 26.35
CA SER A 315 23.99 10.69 26.69
C SER A 315 24.98 10.86 25.56
N PHE A 316 24.50 10.67 24.34
CA PHE A 316 25.31 10.77 23.12
C PHE A 316 25.77 12.20 22.82
N ILE A 317 24.86 13.16 22.95
CA ILE A 317 25.16 14.57 22.69
C ILE A 317 26.10 15.10 23.76
N GLY A 318 25.89 14.67 24.99
CA GLY A 318 26.74 15.06 26.11
C GLY A 318 28.17 14.62 25.89
N ASP A 319 28.36 13.34 25.55
CA ASP A 319 29.69 12.79 25.27
C ASP A 319 30.34 13.50 24.10
N LEU A 320 29.56 13.85 23.09
CA LEU A 320 30.11 14.49 21.89
C LEU A 320 30.49 15.95 22.12
N ALA A 321 29.64 16.67 22.83
CA ALA A 321 29.90 18.07 23.17
C ALA A 321 31.17 18.21 24.01
N ARG A 322 31.37 17.26 24.94
CA ARG A 322 32.58 17.26 25.77
C ARG A 322 33.85 16.99 24.97
N SER A 323 33.82 15.98 24.11
CA SER A 323 35.00 15.65 23.33
C SER A 323 35.21 16.65 22.17
N ALA A 324 34.12 17.31 21.75
CA ALA A 324 34.23 18.43 20.82
C ALA A 324 34.73 19.71 21.51
N GLY A 325 34.83 19.65 22.84
CA GLY A 325 35.38 20.76 23.63
C GLY A 325 34.48 21.99 23.75
N ILE A 326 33.20 21.82 23.47
CA ILE A 326 32.24 22.93 23.48
C ILE A 326 31.20 22.80 24.59
N ALA A 327 31.37 21.82 25.49
CA ALA A 327 30.33 21.50 26.49
C ALA A 327 30.20 22.55 27.58
N GLN A 328 31.30 23.30 27.78
CA GLN A 328 31.32 24.44 28.69
C GLN A 328 30.76 25.71 28.03
N LYS A 329 30.86 25.80 26.70
CA LYS A 329 30.44 27.00 25.96
C LYS A 329 28.94 27.04 25.70
N LEU A 330 28.35 25.85 25.59
CA LEU A 330 26.96 25.65 25.20
C LEU A 330 26.07 25.14 26.33
N LYS A 331 24.85 25.67 26.39
CA LYS A 331 23.82 25.16 27.30
C LYS A 331 23.12 23.94 26.68
N ILE A 332 23.26 22.79 27.36
CA ILE A 332 22.68 21.55 26.92
C ILE A 332 21.79 21.02 28.03
N GLY A 333 20.56 20.65 27.68
CA GLY A 333 19.61 20.20 28.68
C GLY A 333 18.56 19.28 28.09
N VAL A 334 17.96 18.47 28.96
CA VAL A 334 16.82 17.64 28.58
C VAL A 334 15.56 18.31 29.11
N VAL A 335 14.57 18.46 28.24
CA VAL A 335 13.23 18.92 28.65
C VAL A 335 12.30 17.71 28.77
N GLN A 336 11.55 17.64 29.87
CA GLN A 336 10.64 16.53 30.16
C GLN A 336 9.29 17.04 30.66
N THR A 337 8.29 16.16 30.64
CA THR A 337 7.06 16.37 31.40
C THR A 337 7.13 15.62 32.74
N ALA A 338 6.13 15.86 33.58
CA ALA A 338 6.05 15.19 34.86
C ALA A 338 5.75 13.69 34.69
N TYR A 339 5.27 13.31 33.49
CA TYR A 339 5.03 11.91 33.16
C TYR A 339 6.29 11.08 32.97
N ALA A 340 7.45 11.74 32.87
CA ALA A 340 8.74 11.08 32.75
C ALA A 340 9.05 10.26 33.99
N ASN A 341 9.47 9.01 33.81
CA ASN A 341 9.86 8.18 34.93
C ASN A 341 10.98 8.83 35.76
N GLY A 342 10.84 8.77 37.08
CA GLY A 342 11.81 9.38 38.00
C GLY A 342 13.25 8.94 37.77
N SER A 343 13.43 7.69 37.36
CA SER A 343 14.75 7.11 37.13
C SER A 343 15.41 7.72 35.91
N SER A 344 14.61 8.06 34.91
CA SER A 344 15.14 8.73 33.72
C SER A 344 15.69 10.10 34.08
N THR A 345 14.94 10.87 34.88
CA THR A 345 15.35 12.19 35.39
C THR A 345 16.59 12.10 36.27
N GLU A 346 16.65 11.06 37.11
CA GLU A 346 17.78 10.84 38.00
C GLU A 346 19.06 10.59 37.21
N TYR A 347 18.94 9.79 36.16
CA TYR A 347 20.04 9.49 35.26
C TYR A 347 20.59 10.73 34.58
N ILE A 348 19.72 11.63 34.16
CA ILE A 348 20.14 12.84 33.47
C ILE A 348 20.92 13.75 34.42
N GLU A 349 20.39 13.96 35.62
CA GLU A 349 21.00 14.85 36.61
C GLU A 349 22.23 14.28 37.32
N LYS A 350 22.17 13.02 37.73
CA LYS A 350 23.28 12.38 38.45
C LYS A 350 24.36 11.81 37.53
N VAL A 351 23.97 11.05 36.52
CA VAL A 351 24.96 10.36 35.67
C VAL A 351 25.39 11.21 34.46
N LEU A 352 24.44 11.86 33.80
CA LEU A 352 24.79 12.67 32.62
C LEU A 352 25.24 14.07 33.02
N LYS A 353 24.85 14.48 34.23
CA LYS A 353 25.23 15.79 34.81
C LYS A 353 24.74 16.93 33.94
N LEU A 354 23.51 16.79 33.47
CA LEU A 354 22.84 17.78 32.64
C LEU A 354 21.56 18.25 33.33
N PRO A 355 21.19 19.53 33.12
CA PRO A 355 19.88 19.97 33.64
C PRO A 355 18.73 19.15 33.04
N SER A 356 17.67 18.99 33.83
CA SER A 356 16.37 18.63 33.28
C SER A 356 15.38 19.72 33.66
N VAL A 357 14.53 20.08 32.71
CA VAL A 357 13.51 21.08 32.96
C VAL A 357 12.19 20.34 32.84
N CYS A 358 11.40 20.35 33.91
CA CYS A 358 10.05 19.87 33.82
C CYS A 358 9.18 20.99 33.27
N THR A 359 8.43 20.70 32.23
CA THR A 359 7.49 21.69 31.69
C THR A 359 6.10 21.09 31.52
N ASN A 360 5.10 21.94 31.28
CA ASN A 360 3.72 21.50 31.03
C ASN A 360 3.66 20.51 29.89
N THR A 361 2.65 19.65 29.88
CA THR A 361 2.43 18.69 28.78
C THR A 361 1.94 19.41 27.50
N GLY A 362 2.36 18.86 26.36
CA GLY A 362 1.98 19.36 25.04
C GLY A 362 3.23 19.86 24.33
N VAL A 363 3.47 19.33 23.13
CA VAL A 363 4.68 19.65 22.35
C VAL A 363 5.05 21.15 22.32
N LYS A 364 4.02 22.01 22.34
CA LYS A 364 4.21 23.45 22.35
C LYS A 364 5.13 23.92 23.49
N HIS A 365 4.75 23.61 24.74
CA HIS A 365 5.59 23.94 25.91
C HIS A 365 6.95 23.20 25.89
N LEU A 366 6.97 22.00 25.32
CA LEU A 366 8.20 21.21 25.30
C LEU A 366 9.22 21.80 24.32
N HIS A 367 8.73 22.19 23.15
CA HIS A 367 9.56 22.79 22.11
C HIS A 367 10.07 24.17 22.56
N HIS A 368 9.15 25.01 23.04
CA HIS A 368 9.47 26.37 23.47
C HIS A 368 10.55 26.33 24.55
N ALA A 369 10.50 25.31 25.41
CA ALA A 369 11.46 25.16 26.49
C ALA A 369 12.79 24.60 25.98
N ALA A 370 12.73 23.68 25.02
CA ALA A 370 13.93 23.12 24.43
C ALA A 370 14.71 24.19 23.64
N MET A 371 13.98 25.18 23.11
CA MET A 371 14.62 26.33 22.42
C MET A 371 15.31 27.31 23.36
N ARG A 372 15.18 27.13 24.67
CA ARG A 372 15.89 27.97 25.66
C ARG A 372 17.35 27.50 25.86
N PHE A 373 17.63 26.25 25.48
CA PHE A 373 18.99 25.70 25.48
C PHE A 373 19.61 25.88 24.12
N ASP A 374 20.92 25.68 24.04
CA ASP A 374 21.58 25.61 22.74
C ASP A 374 21.33 24.26 22.12
N VAL A 375 21.30 23.24 22.95
CA VAL A 375 21.01 21.89 22.50
C VAL A 375 19.96 21.31 23.47
N GLY A 376 18.71 21.32 23.03
CA GLY A 376 17.57 20.96 23.85
C GLY A 376 17.00 19.65 23.37
N VAL A 377 17.06 18.64 24.23
CA VAL A 377 16.56 17.31 23.90
C VAL A 377 15.19 17.15 24.51
N TYR A 378 14.18 16.88 23.69
CA TYR A 378 12.85 16.56 24.23
C TYR A 378 12.19 15.43 23.50
N PHE A 379 11.75 14.46 24.27
CA PHE A 379 10.87 13.43 23.80
C PHE A 379 9.77 13.34 24.82
N GLU A 380 8.60 12.91 24.37
CA GLU A 380 7.57 12.43 25.29
C GLU A 380 7.62 10.92 25.25
N ALA A 381 7.18 10.30 26.35
CA ALA A 381 7.10 8.84 26.48
C ALA A 381 6.51 8.20 25.21
N ASN A 382 5.45 8.83 24.67
CA ASN A 382 4.76 8.33 23.46
C ASN A 382 5.57 8.23 22.16
N GLY A 383 6.82 8.71 22.17
CA GLY A 383 7.70 8.63 21.01
C GLY A 383 7.79 9.89 20.14
N HIS A 384 7.15 10.97 20.57
CA HIS A 384 7.30 12.23 19.88
C HIS A 384 8.43 13.07 20.49
N GLY A 385 9.37 13.47 19.64
CA GLY A 385 10.45 14.34 20.09
C GLY A 385 11.52 14.63 19.07
N THR A 386 12.41 15.55 19.42
CA THR A 386 13.54 15.93 18.56
C THR A 386 14.63 16.61 19.39
N ILE A 387 15.68 17.10 18.72
CA ILE A 387 16.72 17.89 19.37
C ILE A 387 16.80 19.23 18.66
N THR A 388 16.70 20.32 19.42
CA THR A 388 16.75 21.65 18.86
C THR A 388 18.15 22.23 18.96
N PHE A 389 18.62 22.82 17.87
CA PHE A 389 19.90 23.53 17.87
C PHE A 389 19.72 25.02 17.62
N SER A 390 20.05 25.84 18.62
CA SER A 390 20.07 27.30 18.46
C SER A 390 21.08 27.76 17.39
N GLU A 391 20.92 28.98 16.88
CA GLU A 391 21.92 29.61 15.99
C GLU A 391 23.31 29.63 16.63
N ASN A 392 23.38 30.09 17.88
CA ASN A 392 24.60 30.00 18.68
C ASN A 392 25.21 28.60 18.61
N ALA A 393 24.41 27.56 18.92
CA ALA A 393 24.86 26.18 18.82
C ALA A 393 25.45 25.85 17.44
N LEU A 394 24.72 26.14 16.37
CA LEU A 394 25.17 25.83 15.02
C LEU A 394 26.48 26.56 14.72
N LYS A 395 26.49 27.84 15.07
CA LYS A 395 27.62 28.71 14.80
C LYS A 395 28.87 28.24 15.54
N THR A 396 28.77 27.96 16.85
CA THR A 396 29.98 27.54 17.58
C THR A 396 30.48 26.15 17.15
N ILE A 397 29.56 25.28 16.72
CA ILE A 397 29.94 24.03 16.09
C ILE A 397 30.70 24.32 14.80
N LYS A 398 30.09 25.12 13.93
CA LYS A 398 30.62 25.42 12.61
C LYS A 398 31.97 26.14 12.65
N ASN A 399 32.21 26.92 13.71
CA ASN A 399 33.36 27.84 13.76
C ASN A 399 34.53 27.48 14.67
N THR A 400 34.31 26.61 15.65
CA THR A 400 35.37 26.25 16.60
C THR A 400 36.52 25.54 15.87
N GLU A 401 37.76 25.93 16.20
CA GLU A 401 38.94 25.27 15.66
C GLU A 401 39.41 24.13 16.57
N PRO A 402 39.45 22.89 16.03
CA PRO A 402 39.74 21.70 16.82
C PRO A 402 41.23 21.53 17.14
N GLN A 403 41.53 20.99 18.32
CA GLN A 403 42.91 20.84 18.77
C GLN A 403 43.37 19.38 18.80
N SER A 404 42.57 18.49 18.21
CA SER A 404 42.89 17.06 18.13
C SER A 404 41.96 16.39 17.11
N PRO A 405 42.39 15.26 16.52
CA PRO A 405 41.55 14.51 15.55
C PRO A 405 40.25 13.97 16.16
N ALA A 406 40.27 13.73 17.47
CA ALA A 406 39.07 13.34 18.22
C ALA A 406 38.13 14.54 18.32
N GLN A 407 38.68 15.68 18.73
CA GLN A 407 37.92 16.93 18.81
C GLN A 407 37.30 17.28 17.48
N GLN A 408 38.09 17.23 16.41
CA GLN A 408 37.56 17.45 15.06
C GLN A 408 36.49 16.43 14.67
N ARG A 409 36.77 15.15 14.90
CA ARG A 409 35.80 14.09 14.56
C ARG A 409 34.44 14.33 15.23
N SER A 410 34.48 14.78 16.49
CA SER A 410 33.28 15.07 17.28
C SER A 410 32.49 16.26 16.73
N LEU A 411 33.21 17.33 16.39
CA LEU A 411 32.63 18.50 15.73
C LEU A 411 31.98 18.19 14.38
N GLU A 412 32.65 17.38 13.55
CA GLU A 412 32.07 16.90 12.30
C GLU A 412 30.81 16.08 12.58
N CYS A 413 30.95 15.08 13.45
CA CYS A 413 29.85 14.23 13.88
C CYS A 413 28.64 15.07 14.33
N LEU A 414 28.90 16.04 15.23
CA LEU A 414 27.90 16.98 15.72
C LEU A 414 27.26 17.84 14.60
N GLN A 415 28.08 18.27 13.64
CA GLN A 415 27.60 19.02 12.48
C GLN A 415 26.60 18.17 11.67
N ALA A 416 26.97 16.93 11.37
CA ALA A 416 26.07 15.98 10.72
C ALA A 416 24.74 15.78 11.48
N LEU A 417 24.82 15.65 12.80
CA LEU A 417 23.59 15.41 13.58
C LEU A 417 22.59 16.53 13.36
N THR A 418 23.13 17.73 13.16
CA THR A 418 22.32 18.90 12.92
C THR A 418 21.48 18.81 11.63
N ASP A 419 21.97 18.11 10.62
CA ASP A 419 21.21 17.92 9.38
C ASP A 419 20.35 16.65 9.40
N LEU A 420 20.69 15.69 10.27
CA LEU A 420 19.95 14.42 10.39
C LEU A 420 18.67 14.59 11.17
N ILE A 421 18.73 15.44 12.19
CA ILE A 421 17.64 15.54 13.13
C ILE A 421 16.72 16.66 12.68
N ASN A 422 15.47 16.31 12.40
CA ASN A 422 14.45 17.26 11.96
C ASN A 422 14.25 18.40 12.98
N GLN A 423 14.45 19.63 12.53
CA GLN A 423 14.39 20.81 13.40
C GLN A 423 12.98 21.37 13.54
N ALA A 424 12.10 21.03 12.60
CA ALA A 424 10.77 21.61 12.59
C ALA A 424 9.82 20.82 13.49
N VAL A 425 9.95 19.50 13.46
CA VAL A 425 9.00 18.62 14.11
C VAL A 425 9.64 17.25 14.40
N GLY A 426 9.22 16.64 15.51
CA GLY A 426 9.59 15.27 15.83
C GLY A 426 9.30 14.35 14.66
N ASP A 427 10.30 13.55 14.28
CA ASP A 427 10.31 12.83 13.01
C ASP A 427 10.76 11.41 13.29
N ALA A 428 9.80 10.48 13.21
CA ALA A 428 10.02 9.09 13.53
C ALA A 428 11.20 8.51 12.75
N ILE A 429 11.23 8.79 11.45
CA ILE A 429 12.27 8.23 10.59
C ILE A 429 13.64 8.82 10.92
N SER A 430 13.68 10.12 11.13
CA SER A 430 14.92 10.78 11.50
C SER A 430 15.43 10.22 12.83
N ASP A 431 14.54 10.21 13.82
CA ASP A 431 14.78 9.59 15.13
C ASP A 431 15.27 8.13 15.07
N MET A 432 14.67 7.33 14.20
CA MET A 432 15.14 5.99 13.93
C MET A 432 16.62 5.98 13.56
N LEU A 433 16.97 6.76 12.54
CA LEU A 433 18.38 6.92 12.09
C LEU A 433 19.29 7.32 13.23
N LEU A 434 18.84 8.31 14.02
CA LEU A 434 19.52 8.72 15.25
C LEU A 434 19.82 7.57 16.24
N VAL A 435 18.78 6.91 16.74
CA VAL A 435 18.94 5.73 17.62
C VAL A 435 19.91 4.70 17.03
N GLU A 436 19.77 4.37 15.75
CA GLU A 436 20.65 3.37 15.15
C GLU A 436 22.09 3.83 15.17
N ALA A 437 22.30 5.13 14.92
CA ALA A 437 23.66 5.69 14.85
C ALA A 437 24.27 5.65 16.23
N ILE A 438 23.47 6.00 17.23
CA ILE A 438 23.97 6.10 18.60
C ILE A 438 24.37 4.72 19.12
N LEU A 439 23.49 3.75 18.90
CA LEU A 439 23.78 2.36 19.27
C LEU A 439 25.05 1.87 18.59
N ALA A 440 25.22 2.19 17.30
CA ALA A 440 26.44 1.87 16.58
C ALA A 440 27.68 2.46 17.27
N HIS A 441 27.63 3.76 17.56
CA HIS A 441 28.76 4.48 18.18
C HIS A 441 29.07 3.99 19.59
N LYS A 442 28.02 3.69 20.35
CA LYS A 442 28.22 3.17 21.71
C LYS A 442 28.53 1.66 21.74
N GLY A 443 28.23 0.94 20.64
CA GLY A 443 28.39 -0.53 20.60
C GLY A 443 27.40 -1.25 21.52
N TRP A 444 26.17 -0.72 21.59
CA TRP A 444 25.16 -1.21 22.52
C TRP A 444 24.13 -2.07 21.84
N THR A 445 23.83 -3.20 22.46
CA THR A 445 22.66 -4.02 22.17
C THR A 445 21.45 -3.32 22.79
N PRO A 446 20.24 -3.64 22.31
CA PRO A 446 19.05 -3.18 23.03
C PRO A 446 19.12 -3.47 24.55
N LYS A 447 19.68 -4.62 24.93
CA LYS A 447 19.72 -4.97 26.35
C LYS A 447 20.67 -4.09 27.19
N GLU A 448 21.80 -3.68 26.60
CA GLU A 448 22.69 -2.72 27.26
C GLU A 448 22.05 -1.34 27.44
N TRP A 449 21.29 -0.89 26.44
CA TRP A 449 20.51 0.35 26.52
C TRP A 449 19.44 0.33 27.62
N LEU A 450 18.65 -0.73 27.68
CA LEU A 450 17.68 -0.94 28.78
C LEU A 450 18.36 -0.99 30.13
N ALA A 451 19.54 -1.61 30.20
CA ALA A 451 20.26 -1.75 31.47
C ALA A 451 20.78 -0.42 32.04
N THR A 452 20.76 0.63 31.22
CA THR A 452 21.32 1.95 31.55
C THR A 452 20.80 2.55 32.89
N TYR A 453 19.53 2.33 33.18
CA TYR A 453 18.92 2.69 34.48
C TYR A 453 17.64 1.83 34.54
N THR A 454 17.06 1.68 35.71
CA THR A 454 15.88 0.83 35.83
C THR A 454 14.69 1.70 36.23
N ASP A 455 13.62 1.65 35.43
CA ASP A 455 12.42 2.42 35.71
C ASP A 455 11.84 2.08 37.07
N LEU A 456 11.42 3.11 37.81
CA LEU A 456 10.60 2.90 38.99
C LEU A 456 9.25 2.42 38.50
N PRO A 457 8.70 1.35 39.10
CA PRO A 457 7.33 0.95 38.79
C PRO A 457 6.37 2.14 38.83
N SER A 458 5.52 2.25 37.83
CA SER A 458 4.55 3.34 37.78
C SER A 458 3.20 2.83 37.32
N ARG A 459 2.18 3.67 37.51
CA ARG A 459 0.80 3.37 37.13
C ARG A 459 0.07 4.68 36.83
N LEU A 460 -0.63 4.70 35.70
CA LEU A 460 -1.45 5.82 35.26
C LEU A 460 -2.92 5.40 35.30
N VAL A 461 -3.76 6.24 35.91
CA VAL A 461 -5.20 5.93 35.97
C VAL A 461 -6.02 7.14 35.51
N ARG A 462 -7.17 6.84 34.92
CA ARG A 462 -8.10 7.85 34.47
C ARG A 462 -9.25 7.96 35.49
N VAL A 463 -9.33 9.08 36.18
CA VAL A 463 -10.38 9.23 37.18
C VAL A 463 -11.49 10.14 36.66
N GLU A 464 -12.70 9.59 36.50
CA GLU A 464 -13.87 10.38 36.15
C GLU A 464 -14.23 11.31 37.28
N VAL A 465 -14.60 12.55 36.95
CA VAL A 465 -15.06 13.52 37.94
C VAL A 465 -16.27 14.27 37.41
N ALA A 466 -16.99 14.95 38.31
CA ALA A 466 -18.12 15.79 37.96
C ALA A 466 -17.70 16.94 37.04
N GLU A 467 -16.69 17.69 37.46
CA GLU A 467 -16.22 18.86 36.72
C GLU A 467 -14.69 19.03 36.71
N ARG A 468 -14.12 18.69 35.56
CA ARG A 468 -12.70 18.83 35.26
C ARG A 468 -12.16 20.21 35.68
N SER A 469 -12.99 21.24 35.52
CA SER A 469 -12.63 22.66 35.73
C SER A 469 -12.21 23.11 37.15
N ILE A 470 -12.54 22.35 38.20
CA ILE A 470 -12.12 22.71 39.58
C ILE A 470 -10.69 22.27 39.93
N PHE A 471 -10.07 21.49 39.05
CA PHE A 471 -8.70 21.02 39.26
C PHE A 471 -7.74 21.95 38.50
N LYS A 472 -7.11 22.86 39.24
CA LYS A 472 -6.24 23.89 38.61
C LYS A 472 -4.79 23.66 39.04
N ALA A 473 -3.91 23.43 38.06
CA ALA A 473 -2.52 23.05 38.32
C ALA A 473 -1.48 24.15 38.05
N TYR A 474 -0.31 24.02 38.68
CA TYR A 474 0.86 24.88 38.39
C TYR A 474 2.19 24.10 38.54
N ASP A 475 3.33 24.78 38.43
CA ASP A 475 4.66 24.15 38.56
C ASP A 475 4.81 22.90 37.66
N ALA A 476 4.80 23.11 36.34
CA ALA A 476 4.85 22.04 35.35
C ALA A 476 3.79 20.97 35.66
N GLU A 477 2.61 21.46 36.04
CA GLU A 477 1.45 20.63 36.36
C GLU A 477 1.72 19.56 37.45
N ARG A 478 2.67 19.83 38.34
CA ARG A 478 3.05 18.87 39.40
C ARG A 478 2.29 19.15 40.70
N LYS A 479 1.53 20.25 40.74
CA LYS A 479 0.85 20.69 41.95
C LYS A 479 -0.53 21.27 41.61
N LEU A 480 -1.50 21.04 42.49
CA LEU A 480 -2.82 21.67 42.36
C LEU A 480 -2.97 22.83 43.31
N GLU A 481 -3.43 23.94 42.77
CA GLU A 481 -3.90 25.04 43.56
C GLU A 481 -5.24 24.62 44.16
N SER A 482 -6.06 24.00 43.30
CA SER A 482 -7.47 23.76 43.54
C SER A 482 -7.75 22.33 43.06
N PRO A 483 -8.69 21.61 43.71
CA PRO A 483 -9.46 22.03 44.88
C PRO A 483 -8.64 22.02 46.18
N PRO A 484 -9.07 22.84 47.15
CA PRO A 484 -8.41 22.98 48.44
C PRO A 484 -8.09 21.65 49.11
N GLY A 485 -6.85 21.56 49.61
CA GLY A 485 -6.40 20.47 50.45
C GLY A 485 -5.96 19.23 49.71
N LEU A 486 -6.28 19.14 48.42
CA LEU A 486 -5.97 17.94 47.64
C LEU A 486 -4.46 17.78 47.52
N GLN A 487 -3.75 18.85 47.17
CA GLN A 487 -2.31 18.78 47.11
C GLN A 487 -1.71 18.36 48.44
N ALA A 488 -2.14 19.01 49.53
CA ALA A 488 -1.63 18.63 50.85
C ALA A 488 -1.74 17.12 51.05
N LYS A 489 -2.84 16.54 50.58
CA LYS A 489 -3.06 15.09 50.71
C LYS A 489 -2.23 14.28 49.72
N ILE A 490 -2.07 14.78 48.49
CA ILE A 490 -1.16 14.11 47.55
C ILE A 490 0.26 14.10 48.12
N ASP A 491 0.70 15.23 48.68
CA ASP A 491 2.02 15.37 49.29
C ASP A 491 2.23 14.36 50.40
N SER A 492 1.26 14.27 51.29
CA SER A 492 1.32 13.30 52.37
C SER A 492 1.31 11.84 51.89
N LEU A 493 0.50 11.55 50.86
CA LEU A 493 0.43 10.19 50.36
C LEU A 493 1.76 9.72 49.78
N GLN A 494 2.37 10.54 48.94
CA GLN A 494 3.61 10.15 48.28
C GLN A 494 4.78 9.96 49.26
N SER A 495 4.72 10.62 50.41
CA SER A 495 5.76 10.54 51.44
C SER A 495 5.84 9.18 52.13
N ARG A 496 4.69 8.50 52.22
CA ARG A 496 4.62 7.18 52.87
C ARG A 496 5.27 6.06 52.04
N TYR A 497 5.63 6.34 50.79
CA TYR A 497 6.21 5.34 49.90
C TYR A 497 7.65 5.67 49.56
N ASN A 498 8.51 4.65 49.60
CA ASN A 498 9.91 4.79 49.17
C ASN A 498 9.96 5.34 47.74
N LYS A 499 10.70 6.45 47.59
CA LYS A 499 10.81 7.20 46.32
C LYS A 499 9.43 7.47 45.70
N GLY A 500 8.44 7.67 46.57
CA GLY A 500 7.05 7.86 46.15
C GLY A 500 6.80 9.23 45.55
N ARG A 501 6.30 9.24 44.31
CA ARG A 501 5.97 10.48 43.59
C ARG A 501 4.64 10.31 42.85
N SER A 502 3.70 11.21 43.12
CA SER A 502 2.41 11.24 42.45
C SER A 502 1.92 12.67 42.17
N PHE A 503 1.10 12.81 41.13
CA PHE A 503 0.49 14.10 40.79
C PHE A 503 -0.74 13.83 39.95
N ALA A 504 -1.70 14.75 39.99
CA ALA A 504 -2.96 14.60 39.29
C ALA A 504 -3.21 15.86 38.52
N ARG A 505 -3.60 15.72 37.26
CA ARG A 505 -4.03 16.86 36.48
C ARG A 505 -5.22 16.55 35.56
N ALA A 506 -5.98 17.60 35.27
CA ALA A 506 -7.13 17.51 34.36
C ALA A 506 -6.66 17.08 32.97
N SER A 507 -7.55 16.47 32.18
CA SER A 507 -7.19 16.11 30.81
C SER A 507 -7.35 17.31 29.87
N GLY A 508 -8.36 18.13 30.14
CA GLY A 508 -8.61 19.33 29.36
C GLY A 508 -9.69 19.21 28.29
N THR A 509 -10.36 18.04 28.24
CA THR A 509 -11.33 17.77 27.17
C THR A 509 -12.61 17.07 27.69
N GLU A 510 -12.49 16.32 28.79
CA GLU A 510 -13.43 15.24 29.12
C GLU A 510 -14.38 15.40 30.32
N ASP A 511 -13.81 15.74 31.48
CA ASP A 511 -14.42 15.59 32.82
C ASP A 511 -13.76 14.40 33.54
N ALA A 512 -12.46 14.27 33.27
CA ALA A 512 -11.59 13.26 33.85
C ALA A 512 -10.29 13.92 34.29
N VAL A 513 -9.69 13.35 35.33
CA VAL A 513 -8.34 13.72 35.73
C VAL A 513 -7.41 12.51 35.67
N ARG A 514 -6.15 12.77 35.37
CA ARG A 514 -5.18 11.69 35.29
C ARG A 514 -4.34 11.69 36.52
N VAL A 515 -4.19 10.51 37.11
CA VAL A 515 -3.30 10.34 38.23
C VAL A 515 -2.05 9.58 37.77
N TYR A 516 -0.86 10.14 38.02
CA TYR A 516 0.36 9.38 37.81
C TYR A 516 1.01 9.13 39.16
N ALA A 517 1.47 7.90 39.39
CA ALA A 517 2.26 7.59 40.57
C ALA A 517 3.35 6.60 40.23
N GLU A 518 4.50 6.75 40.89
CA GLU A 518 5.65 5.84 40.78
C GLU A 518 6.21 5.63 42.18
N ALA A 519 6.97 4.53 42.35
CA ALA A 519 7.57 4.19 43.65
C ALA A 519 8.66 3.14 43.45
N ALA A 520 9.37 2.78 44.52
CA ALA A 520 10.43 1.76 44.46
C ALA A 520 9.93 0.37 44.07
N SER A 521 8.76 -0.04 44.57
CA SER A 521 8.23 -1.35 44.20
C SER A 521 6.84 -1.25 43.56
N ARG A 522 6.42 -2.35 42.96
CA ARG A 522 5.17 -2.46 42.23
C ARG A 522 4.01 -2.18 43.15
N SER A 523 3.92 -2.93 44.26
CA SER A 523 2.78 -2.81 45.18
C SER A 523 2.62 -1.39 45.73
N GLU A 524 3.74 -0.76 46.07
CA GLU A 524 3.73 0.65 46.48
C GLU A 524 3.17 1.56 45.38
N ALA A 525 3.73 1.46 44.18
CA ALA A 525 3.27 2.29 43.05
C ALA A 525 1.76 2.18 42.82
N ASP A 526 1.28 0.94 42.76
CA ASP A 526 -0.15 0.66 42.59
C ASP A 526 -1.00 1.19 43.75
N ASP A 527 -0.59 0.95 44.98
CA ASP A 527 -1.32 1.45 46.16
C ASP A 527 -1.38 2.97 46.26
N LEU A 528 -0.24 3.63 46.07
CA LEU A 528 -0.18 5.08 45.99
C LEU A 528 -1.10 5.64 44.88
N ALA A 529 -1.07 5.00 43.71
CA ALA A 529 -1.91 5.47 42.61
C ALA A 529 -3.37 5.33 42.96
N THR A 530 -3.73 4.22 43.60
CA THR A 530 -5.12 4.00 44.00
C THR A 530 -5.57 4.99 45.06
N ARG A 531 -4.74 5.23 46.08
CA ARG A 531 -5.05 6.20 47.14
C ARG A 531 -5.27 7.63 46.62
N VAL A 532 -4.32 8.13 45.83
CA VAL A 532 -4.49 9.41 45.13
C VAL A 532 -5.74 9.37 44.25
N ALA A 533 -5.99 8.24 43.57
CA ALA A 533 -7.17 8.10 42.68
C ALA A 533 -8.49 8.27 43.43
N ASN A 534 -8.55 7.74 44.65
CA ASN A 534 -9.73 7.85 45.50
C ASN A 534 -9.92 9.27 46.04
N ALA A 535 -8.83 9.91 46.47
CA ALA A 535 -8.87 11.31 46.92
C ALA A 535 -9.32 12.23 45.80
N VAL A 536 -8.79 11.99 44.60
CA VAL A 536 -9.18 12.75 43.42
C VAL A 536 -10.68 12.59 43.15
N ARG A 537 -11.13 11.35 43.12
CA ARG A 537 -12.53 11.02 42.90
C ARG A 537 -13.39 11.67 43.98
N ASP A 538 -12.89 11.66 45.21
CA ASP A 538 -13.62 12.21 46.34
C ASP A 538 -13.81 13.73 46.21
N ALA A 539 -12.71 14.44 45.97
CA ALA A 539 -12.74 15.89 45.79
C ALA A 539 -13.50 16.30 44.52
N GLY A 540 -13.73 15.34 43.63
CA GLY A 540 -14.33 15.61 42.34
C GLY A 540 -15.77 15.16 42.17
N THR A 541 -16.40 14.71 43.27
CA THR A 541 -17.82 14.40 43.26
C THR A 541 -18.57 15.62 43.75
N VAL A 542 -19.71 15.91 43.14
CA VAL A 542 -20.51 17.10 43.47
C VAL A 542 -20.69 17.21 44.99
N LYS A 543 -20.44 18.41 45.52
CA LYS A 543 -20.46 18.68 46.97
C LYS A 543 -21.74 18.27 47.74
N GLU A 544 -22.92 18.48 47.13
CA GLU A 544 -24.26 18.23 47.71
C GLU A 544 -24.78 19.33 48.66
N ILE A 545 -25.92 19.92 48.30
CA ILE A 545 -26.47 21.08 49.01
C ILE A 545 -27.54 20.68 50.03
N LEU A 546 -27.37 21.13 51.27
CA LEU A 546 -28.27 20.76 52.38
C LEU A 546 -29.53 21.66 52.47
N GLN A 547 -30.47 21.31 53.35
CA GLN A 547 -31.75 22.04 53.50
C GLN A 547 -32.07 22.53 54.94
N ALA A 548 -33.18 22.07 55.52
CA ALA A 548 -33.60 22.50 56.87
C ALA A 548 -34.85 21.73 57.35
N MET B 1 -39.55 -19.61 -7.79
CA MET B 1 -39.74 -18.13 -7.86
C MET B 1 -40.00 -17.54 -6.47
N ALA B 2 -39.53 -16.31 -6.26
CA ALA B 2 -39.66 -15.55 -5.00
C ALA B 2 -39.01 -14.19 -5.28
N SER B 3 -39.31 -13.10 -4.57
CA SER B 3 -40.23 -12.95 -3.41
C SER B 3 -40.53 -11.44 -3.25
N PRO B 4 -41.78 -11.10 -2.85
CA PRO B 4 -42.22 -9.69 -2.78
C PRO B 4 -41.26 -8.70 -2.10
N ALA B 5 -40.72 -9.05 -0.93
CA ALA B 5 -39.80 -8.19 -0.19
C ALA B 5 -38.45 -8.02 -0.90
N VAL B 6 -37.97 -9.11 -1.50
CA VAL B 6 -36.73 -9.08 -2.27
C VAL B 6 -36.89 -8.19 -3.52
N ARG B 7 -37.94 -8.47 -4.29
CA ARG B 7 -38.31 -7.67 -5.45
C ARG B 7 -38.24 -6.16 -5.19
N LYS B 8 -38.85 -5.73 -4.07
CA LYS B 8 -38.89 -4.31 -3.67
C LYS B 8 -37.51 -3.75 -3.32
N ALA B 9 -36.76 -4.49 -2.49
CA ALA B 9 -35.42 -4.10 -2.07
C ALA B 9 -34.46 -3.92 -3.24
N ILE B 10 -34.63 -4.78 -4.26
CA ILE B 10 -33.79 -4.77 -5.45
C ILE B 10 -33.92 -3.46 -6.27
N SER B 11 -35.15 -3.02 -6.50
CA SER B 11 -35.39 -1.72 -7.16
C SER B 11 -35.34 -0.54 -6.17
N ASP B 12 -35.37 -0.84 -4.88
CA ASP B 12 -35.17 0.12 -3.80
C ASP B 12 -33.73 0.62 -3.84
N ALA B 13 -32.79 -0.29 -3.59
CA ALA B 13 -31.37 0.04 -3.54
C ALA B 13 -30.82 0.48 -4.89
N ALA B 14 -31.57 0.20 -5.96
CA ALA B 14 -31.20 0.57 -7.32
C ALA B 14 -31.35 2.06 -7.60
N LEU B 15 -32.28 2.69 -6.88
CA LEU B 15 -32.61 4.10 -7.07
C LEU B 15 -31.48 5.03 -6.63
N GLN B 16 -30.48 4.47 -5.94
CA GLN B 16 -29.33 5.24 -5.45
C GLN B 16 -28.40 5.61 -6.60
N TYR B 17 -28.66 5.05 -7.77
CA TYR B 17 -27.73 5.16 -8.88
C TYR B 17 -28.42 5.73 -10.12
N ALA B 18 -27.61 6.00 -11.16
CA ALA B 18 -28.11 6.46 -12.44
C ALA B 18 -27.18 5.93 -13.52
N LYS B 19 -27.78 5.46 -14.62
CA LYS B 19 -27.05 4.90 -15.76
C LYS B 19 -26.25 5.98 -16.50
N PRO B 20 -25.03 5.64 -16.96
CA PRO B 20 -24.08 6.53 -17.64
C PRO B 20 -24.56 7.19 -18.93
N GLU B 21 -24.05 8.40 -19.16
CA GLU B 21 -24.45 9.29 -20.26
C GLU B 21 -25.00 8.56 -21.50
N GLY B 22 -24.16 7.84 -22.23
CA GLY B 22 -24.65 7.22 -23.48
C GLY B 22 -24.25 5.78 -23.70
N LYS B 23 -24.01 5.07 -22.60
CA LYS B 23 -23.41 3.74 -22.64
C LYS B 23 -24.37 2.58 -22.85
N ILE B 24 -24.08 1.79 -23.88
CA ILE B 24 -24.71 0.50 -24.12
C ILE B 24 -23.69 -0.57 -23.79
N PHE B 25 -24.05 -1.46 -22.87
CA PHE B 25 -23.11 -2.44 -22.30
C PHE B 25 -23.09 -3.78 -23.02
N GLN B 26 -22.00 -4.52 -22.79
CA GLN B 26 -21.79 -5.80 -23.41
C GLN B 26 -20.83 -6.56 -22.52
N TYR B 27 -21.33 -7.58 -21.83
CA TYR B 27 -20.49 -8.42 -20.98
C TYR B 27 -19.65 -9.30 -21.88
N GLY B 28 -18.37 -9.00 -21.97
CA GLY B 28 -17.48 -9.73 -22.85
C GLY B 28 -16.56 -10.59 -22.01
N THR B 29 -15.41 -10.94 -22.58
CA THR B 29 -14.35 -11.54 -21.77
C THR B 29 -13.84 -10.44 -20.82
N ALA B 30 -13.55 -10.83 -19.59
CA ALA B 30 -13.23 -9.85 -18.53
C ALA B 30 -14.41 -8.91 -18.19
N GLY B 31 -15.63 -9.38 -18.47
CA GLY B 31 -16.85 -8.78 -17.96
C GLY B 31 -17.19 -7.41 -18.47
N PHE B 32 -17.56 -6.51 -17.55
CA PHE B 32 -17.70 -5.09 -17.85
C PHE B 32 -16.44 -4.34 -17.42
N ARG B 33 -15.80 -3.72 -18.41
CA ARG B 33 -14.60 -2.95 -18.18
C ARG B 33 -14.71 -1.62 -18.93
N MET B 34 -14.68 -0.53 -18.19
CA MET B 34 -14.74 0.82 -18.76
C MET B 34 -14.15 1.84 -17.80
N LYS B 35 -14.26 3.12 -18.16
CA LYS B 35 -13.96 4.22 -17.25
C LYS B 35 -14.77 4.00 -15.97
N ALA B 36 -14.10 4.04 -14.82
CA ALA B 36 -14.72 3.74 -13.52
C ALA B 36 -16.01 4.51 -13.22
N ASP B 37 -16.00 5.82 -13.39
CA ASP B 37 -17.19 6.63 -13.07
C ASP B 37 -18.50 6.20 -13.81
N LEU B 38 -18.38 5.31 -14.81
CA LEU B 38 -19.54 4.83 -15.61
C LEU B 38 -20.11 3.51 -15.11
N LEU B 39 -19.70 3.07 -13.94
CA LEU B 39 -19.70 1.63 -13.61
C LEU B 39 -20.72 1.15 -12.59
N ASN B 40 -21.22 2.07 -11.77
CA ASN B 40 -22.20 1.81 -10.69
C ASN B 40 -23.33 0.83 -11.02
N THR B 41 -24.14 1.13 -12.03
CA THR B 41 -25.32 0.30 -12.30
C THR B 41 -24.94 -1.08 -12.84
N VAL B 42 -23.82 -1.13 -13.56
CA VAL B 42 -23.29 -2.36 -14.10
C VAL B 42 -22.89 -3.33 -13.00
N VAL B 43 -22.34 -2.78 -11.91
CA VAL B 43 -21.84 -3.56 -10.80
C VAL B 43 -23.02 -4.09 -9.97
N TYR B 44 -24.04 -3.25 -9.80
CA TYR B 44 -25.30 -3.68 -9.19
C TYR B 44 -25.83 -4.90 -9.94
N ALA B 45 -26.00 -4.74 -11.25
CA ALA B 45 -26.40 -5.81 -12.17
C ALA B 45 -25.62 -7.11 -11.98
N VAL B 46 -24.33 -7.00 -11.71
CA VAL B 46 -23.49 -8.19 -11.52
C VAL B 46 -23.72 -8.84 -10.15
N GLY B 47 -24.12 -8.05 -9.16
CA GLY B 47 -24.46 -8.60 -7.84
C GLY B 47 -25.71 -9.45 -7.95
N LEU B 48 -26.72 -8.90 -8.63
CA LEU B 48 -27.95 -9.63 -8.89
C LEU B 48 -27.67 -10.94 -9.64
N LEU B 49 -26.76 -10.92 -10.61
CA LEU B 49 -26.47 -12.10 -11.43
C LEU B 49 -25.70 -13.16 -10.64
N ALA B 50 -24.76 -12.72 -9.82
CA ALA B 50 -23.97 -13.62 -8.99
C ALA B 50 -24.89 -14.42 -8.05
N THR B 51 -25.88 -13.72 -7.51
CA THR B 51 -26.93 -14.33 -6.67
C THR B 51 -27.67 -15.45 -7.41
N LEU B 52 -28.08 -15.18 -8.64
CA LEU B 52 -28.78 -16.16 -9.45
C LEU B 52 -27.86 -17.30 -9.88
N ARG B 53 -26.57 -17.02 -10.03
CA ARG B 53 -25.61 -18.05 -10.43
C ARG B 53 -25.34 -19.05 -9.30
N SER B 54 -25.14 -18.54 -8.08
CA SER B 54 -24.94 -19.39 -6.92
C SER B 54 -26.14 -20.34 -6.73
N LYS B 55 -27.33 -19.74 -6.77
CA LYS B 55 -28.57 -20.45 -6.47
C LYS B 55 -28.82 -21.56 -7.48
N LYS B 56 -28.53 -21.27 -8.75
CA LYS B 56 -28.74 -22.23 -9.83
C LYS B 56 -27.79 -23.39 -9.65
N LEU B 57 -26.67 -23.11 -9.01
CA LEU B 57 -25.60 -24.09 -8.82
C LEU B 57 -25.56 -24.65 -7.40
N SER B 58 -26.74 -24.79 -6.80
CA SER B 58 -26.91 -25.41 -5.48
C SER B 58 -26.27 -24.63 -4.34
N GLY B 59 -26.18 -23.31 -4.49
CA GLY B 59 -25.65 -22.46 -3.42
C GLY B 59 -24.16 -22.58 -3.28
N GLN B 60 -23.49 -22.89 -4.40
CA GLN B 60 -22.05 -22.97 -4.41
C GLN B 60 -21.52 -21.57 -4.49
N TRP B 61 -20.30 -21.40 -3.99
CA TRP B 61 -19.68 -20.08 -3.96
C TRP B 61 -19.39 -19.59 -5.34
N ILE B 62 -19.79 -18.34 -5.58
CA ILE B 62 -19.54 -17.62 -6.82
C ILE B 62 -18.62 -16.45 -6.51
N GLY B 63 -17.62 -16.21 -7.37
CA GLY B 63 -16.68 -15.13 -7.15
C GLY B 63 -17.03 -13.91 -7.97
N VAL B 64 -16.75 -12.73 -7.41
CA VAL B 64 -16.77 -11.50 -8.16
C VAL B 64 -15.41 -10.82 -8.01
N MET B 65 -14.76 -10.53 -9.13
CA MET B 65 -13.47 -9.84 -9.09
C MET B 65 -13.60 -8.45 -9.73
N VAL B 66 -13.19 -7.42 -8.99
CA VAL B 66 -13.29 -6.04 -9.40
C VAL B 66 -11.90 -5.58 -9.82
N THR B 67 -11.72 -5.31 -11.12
CA THR B 67 -10.39 -4.99 -11.69
C THR B 67 -10.45 -4.67 -13.18
N ALA B 68 -9.56 -3.79 -13.63
CA ALA B 68 -9.45 -3.51 -15.06
C ALA B 68 -8.09 -3.98 -15.61
N HIS B 70 -4.73 -4.55 -17.01
CA HIS B 70 -3.67 -3.66 -17.56
C HIS B 70 -4.05 -2.19 -17.66
N ASN B 71 -5.34 -1.87 -17.62
CA ASN B 71 -5.87 -0.56 -17.96
C ASN B 71 -5.36 0.57 -17.06
N PRO B 72 -5.36 1.84 -17.56
CA PRO B 72 -4.95 2.98 -16.74
C PRO B 72 -5.86 3.16 -15.50
N ALA B 73 -5.35 3.89 -14.51
CA ALA B 73 -5.96 4.03 -13.19
C ALA B 73 -7.44 4.39 -13.16
N GLU B 74 -7.87 5.26 -14.06
CA GLU B 74 -9.26 5.76 -14.02
C GLU B 74 -10.30 4.70 -14.42
N ASP B 75 -9.83 3.59 -15.00
CA ASP B 75 -10.71 2.47 -15.32
C ASP B 75 -10.92 1.54 -14.12
N ASN B 76 -12.05 0.85 -14.12
CA ASN B 76 -12.20 -0.37 -13.34
C ASN B 76 -13.01 -1.37 -14.17
N GLY B 77 -13.31 -2.51 -13.58
CA GLY B 77 -14.06 -3.55 -14.26
C GLY B 77 -14.62 -4.53 -13.28
N VAL B 78 -15.49 -5.42 -13.77
CA VAL B 78 -16.11 -6.41 -12.91
C VAL B 78 -16.39 -7.69 -13.71
N LYS B 79 -16.15 -8.84 -13.08
CA LYS B 79 -16.37 -10.13 -13.70
C LYS B 79 -16.75 -11.19 -12.67
N LEU B 80 -17.56 -12.16 -13.12
CA LEU B 80 -18.03 -13.27 -12.29
C LEU B 80 -17.10 -14.45 -12.42
N VAL B 81 -16.98 -15.25 -11.37
CA VAL B 81 -16.14 -16.46 -11.41
C VAL B 81 -16.97 -17.71 -11.00
N ASP B 82 -16.99 -18.71 -11.86
CA ASP B 82 -17.79 -19.92 -11.64
C ASP B 82 -17.11 -20.83 -10.60
N PRO B 83 -17.86 -21.78 -10.02
CA PRO B 83 -17.46 -22.49 -8.79
C PRO B 83 -16.06 -23.06 -8.75
N MET B 84 -15.58 -23.59 -9.87
CA MET B 84 -14.25 -24.21 -9.94
C MET B 84 -13.17 -23.21 -10.32
N GLY B 85 -13.57 -21.94 -10.37
CA GLY B 85 -12.65 -20.86 -10.70
C GLY B 85 -12.58 -20.58 -12.17
N GLU B 86 -13.44 -21.24 -12.95
CA GLU B 86 -13.47 -21.07 -14.40
C GLU B 86 -14.15 -19.75 -14.71
N MET B 87 -13.86 -19.21 -15.88
CA MET B 87 -14.61 -18.07 -16.36
C MET B 87 -16.10 -18.41 -16.40
N LEU B 88 -16.92 -17.41 -16.14
CA LEU B 88 -18.37 -17.56 -16.20
C LEU B 88 -18.74 -18.20 -17.52
N GLU B 89 -19.55 -19.25 -17.45
CA GLU B 89 -20.09 -19.93 -18.62
C GLU B 89 -20.63 -18.93 -19.66
N ALA B 90 -20.28 -19.16 -20.92
CA ALA B 90 -20.55 -18.27 -22.04
C ALA B 90 -22.00 -17.78 -22.25
N GLU B 91 -23.01 -18.65 -22.13
CA GLU B 91 -24.42 -18.19 -22.32
C GLU B 91 -24.89 -17.20 -21.23
N TRP B 92 -24.20 -17.20 -20.09
CA TRP B 92 -24.48 -16.28 -19.00
C TRP B 92 -23.98 -14.85 -19.26
N GLU B 93 -23.07 -14.71 -20.23
CA GLU B 93 -22.62 -13.41 -20.68
C GLU B 93 -23.83 -12.59 -21.12
N ALA B 94 -24.74 -13.25 -21.85
CA ALA B 94 -25.94 -12.59 -22.39
C ALA B 94 -26.92 -12.11 -21.32
N TYR B 95 -26.98 -12.82 -20.19
CA TYR B 95 -27.81 -12.42 -19.05
C TYR B 95 -27.29 -11.14 -18.41
N ALA B 96 -25.97 -11.05 -18.26
CA ALA B 96 -25.36 -9.90 -17.61
C ALA B 96 -25.61 -8.66 -18.46
N THR B 97 -25.39 -8.80 -19.76
CA THR B 97 -25.69 -7.78 -20.75
C THR B 97 -27.14 -7.32 -20.62
N LYS B 98 -28.04 -8.29 -20.43
CA LYS B 98 -29.49 -8.01 -20.33
C LYS B 98 -29.80 -7.13 -19.11
N LEU B 99 -29.23 -7.50 -17.95
CA LEU B 99 -29.38 -6.75 -16.72
C LEU B 99 -28.75 -5.35 -16.83
N ALA B 100 -27.59 -5.27 -17.47
CA ALA B 100 -26.89 -4.00 -17.60
C ALA B 100 -27.59 -2.99 -18.53
N ASN B 101 -28.16 -3.47 -19.63
CA ASN B 101 -28.83 -2.60 -20.59
C ASN B 101 -30.31 -2.32 -20.30
N ALA B 102 -30.80 -2.85 -19.18
CA ALA B 102 -32.17 -2.58 -18.74
C ALA B 102 -32.18 -1.26 -17.97
N PRO B 103 -33.27 -0.47 -18.11
CA PRO B 103 -33.46 0.70 -17.24
C PRO B 103 -33.68 0.30 -15.78
N LEU B 104 -33.21 1.13 -14.86
CA LEU B 104 -33.14 0.81 -13.42
C LEU B 104 -34.49 0.55 -12.75
N GLU B 105 -35.49 1.34 -13.14
CA GLU B 105 -36.86 1.21 -12.65
C GLU B 105 -37.41 -0.17 -13.01
N ASN B 106 -36.74 -0.83 -13.95
CA ASN B 106 -37.17 -2.14 -14.45
C ASN B 106 -36.24 -3.29 -14.13
N ILE B 107 -35.20 -3.04 -13.34
CA ILE B 107 -34.19 -4.08 -13.10
C ILE B 107 -34.70 -5.22 -12.21
N GLY B 108 -35.67 -4.92 -11.36
CA GLY B 108 -36.34 -5.94 -10.56
C GLY B 108 -37.16 -6.85 -11.46
N ASP B 109 -37.80 -6.24 -12.46
CA ASP B 109 -38.62 -6.95 -13.47
C ASP B 109 -37.77 -7.89 -14.31
N VAL B 110 -36.59 -7.42 -14.73
CA VAL B 110 -35.66 -8.22 -15.50
C VAL B 110 -35.03 -9.33 -14.62
N TYR B 111 -34.99 -9.08 -13.31
CA TYR B 111 -34.55 -10.09 -12.36
C TYR B 111 -35.53 -11.28 -12.36
N ASP B 112 -36.82 -10.98 -12.13
CA ASP B 112 -37.89 -12.00 -12.12
C ASP B 112 -37.91 -12.81 -13.42
N GLU B 113 -37.95 -12.10 -14.54
CA GLU B 113 -37.89 -12.70 -15.87
C GLU B 113 -36.77 -13.72 -15.95
N LEU B 114 -35.62 -13.38 -15.36
CA LEU B 114 -34.46 -14.24 -15.44
C LEU B 114 -34.57 -15.49 -14.57
N VAL B 115 -35.15 -15.37 -13.39
CA VAL B 115 -35.29 -16.53 -12.50
C VAL B 115 -36.20 -17.58 -13.11
N LYS B 116 -37.08 -17.13 -14.01
CA LYS B 116 -38.02 -17.99 -14.69
C LYS B 116 -37.42 -18.57 -15.97
N GLU B 117 -36.66 -17.74 -16.70
CA GLU B 117 -35.95 -18.19 -17.91
C GLU B 117 -34.94 -19.28 -17.52
N ILE B 118 -34.19 -19.02 -16.44
CA ILE B 118 -33.10 -19.91 -15.97
C ILE B 118 -33.61 -21.12 -15.18
N ASP B 119 -34.69 -20.92 -14.41
CA ASP B 119 -35.32 -21.96 -13.59
C ASP B 119 -34.46 -22.26 -12.35
N VAL B 120 -34.60 -21.37 -11.37
CA VAL B 120 -33.77 -21.39 -10.19
C VAL B 120 -34.57 -21.75 -8.95
N SER B 121 -34.06 -22.72 -8.19
CA SER B 121 -34.59 -23.02 -6.88
C SER B 121 -34.26 -21.89 -5.88
N MET B 122 -35.30 -21.24 -5.36
CA MET B 122 -35.12 -20.12 -4.42
C MET B 122 -34.88 -20.56 -2.96
N GLU B 123 -35.02 -21.86 -2.70
CA GLU B 123 -34.73 -22.45 -1.40
C GLU B 123 -33.27 -22.21 -1.03
N ASN B 124 -32.39 -22.43 -2.01
CA ASN B 124 -30.94 -22.34 -1.81
C ASN B 124 -30.48 -20.94 -1.52
N PRO B 125 -29.56 -20.79 -0.57
CA PRO B 125 -29.02 -19.47 -0.35
C PRO B 125 -28.02 -19.14 -1.46
N ALA B 126 -27.79 -17.86 -1.71
CA ALA B 126 -26.75 -17.48 -2.62
C ALA B 126 -25.51 -17.20 -1.78
N ARG B 127 -24.35 -17.59 -2.29
CA ARG B 127 -23.10 -17.38 -1.57
C ARG B 127 -22.06 -16.83 -2.56
N VAL B 128 -21.55 -15.65 -2.26
CA VAL B 128 -20.62 -15.00 -3.16
C VAL B 128 -19.42 -14.36 -2.46
N VAL B 129 -18.23 -14.66 -2.96
CA VAL B 129 -16.98 -14.10 -2.45
C VAL B 129 -16.52 -13.05 -3.43
N PHE B 130 -15.93 -11.97 -2.94
CA PHE B 130 -15.42 -10.96 -3.84
C PHE B 130 -14.12 -10.35 -3.35
N ALA B 131 -13.37 -9.74 -4.28
CA ALA B 131 -12.13 -9.00 -3.99
C ALA B 131 -11.90 -7.91 -5.02
N ARG B 132 -10.89 -7.08 -4.78
CA ARG B 132 -10.53 -6.01 -5.72
C ARG B 132 -9.03 -5.85 -5.78
N ASP B 133 -8.56 -5.15 -6.81
CA ASP B 133 -7.18 -4.66 -6.86
C ASP B 133 -7.10 -3.26 -6.22
N THR B 134 -6.05 -2.51 -6.53
CA THR B 134 -5.78 -1.25 -5.81
C THR B 134 -6.47 0.01 -6.32
N ARG B 135 -7.41 -0.13 -7.26
CA ARG B 135 -7.99 1.04 -7.93
C ARG B 135 -8.79 1.91 -6.97
N ALA B 136 -8.74 3.24 -7.18
CA ALA B 136 -9.33 4.24 -6.29
C ALA B 136 -10.87 4.15 -6.25
N SER B 137 -11.44 3.59 -7.31
CA SER B 137 -12.88 3.40 -7.41
C SER B 137 -13.37 2.11 -6.74
N GLY B 138 -12.47 1.24 -6.29
CA GLY B 138 -12.84 -0.10 -5.80
C GLY B 138 -13.72 -0.10 -4.58
N SER B 139 -13.45 0.79 -3.64
CA SER B 139 -14.26 0.88 -2.42
C SER B 139 -15.71 1.20 -2.75
N ARG B 140 -15.92 2.18 -3.62
CA ARG B 140 -17.27 2.60 -4.02
C ARG B 140 -18.03 1.49 -4.74
N LEU B 141 -17.31 0.75 -5.58
CA LEU B 141 -17.88 -0.31 -6.38
C LEU B 141 -18.26 -1.55 -5.52
N ILE B 142 -17.43 -1.85 -4.53
CA ILE B 142 -17.74 -2.89 -3.54
C ILE B 142 -18.98 -2.56 -2.72
N GLY B 143 -19.24 -1.27 -2.53
CA GLY B 143 -20.43 -0.80 -1.83
C GLY B 143 -21.69 -1.01 -2.65
N VAL B 144 -21.59 -0.76 -3.95
CA VAL B 144 -22.69 -1.01 -4.90
C VAL B 144 -22.95 -2.51 -4.95
N LEU B 145 -21.87 -3.28 -5.07
CA LEU B 145 -21.94 -4.72 -5.12
C LEU B 145 -22.62 -5.29 -3.89
N SER B 146 -22.22 -4.81 -2.71
CA SER B 146 -22.76 -5.24 -1.40
C SER B 146 -24.23 -4.86 -1.31
N ALA B 147 -24.56 -3.67 -1.83
CA ALA B 147 -25.95 -3.23 -1.86
C ALA B 147 -26.83 -4.26 -2.60
N ALA B 148 -26.31 -4.82 -3.69
CA ALA B 148 -27.04 -5.80 -4.49
C ALA B 148 -27.15 -7.15 -3.80
N LEU B 149 -26.08 -7.55 -3.11
CA LEU B 149 -26.08 -8.82 -2.40
C LEU B 149 -26.97 -8.80 -1.16
N THR B 150 -26.99 -7.65 -0.47
CA THR B 150 -27.83 -7.44 0.71
C THR B 150 -29.31 -7.44 0.32
N ALA B 151 -29.63 -6.70 -0.75
CA ALA B 151 -30.99 -6.69 -1.31
C ALA B 151 -31.47 -8.09 -1.74
N THR B 152 -30.60 -8.85 -2.42
CA THR B 152 -30.98 -10.22 -2.83
C THR B 152 -30.89 -11.26 -1.71
N GLU B 153 -30.47 -10.84 -0.51
CA GLU B 153 -30.31 -11.71 0.68
C GLU B 153 -29.21 -12.77 0.56
N ALA B 154 -28.21 -12.52 -0.29
CA ALA B 154 -27.10 -13.45 -0.47
C ALA B 154 -26.22 -13.45 0.78
N GLU B 155 -25.52 -14.54 1.02
CA GLU B 155 -24.41 -14.51 1.98
C GLU B 155 -23.14 -14.08 1.26
N PHE B 156 -22.44 -13.08 1.78
CA PHE B 156 -21.21 -12.65 1.13
C PHE B 156 -20.00 -12.47 2.06
N ILE B 157 -18.80 -12.58 1.45
CA ILE B 157 -17.54 -12.46 2.14
C ILE B 157 -16.66 -11.52 1.32
N ASP B 158 -16.16 -10.49 2.00
CA ASP B 158 -15.28 -9.52 1.40
C ASP B 158 -13.85 -10.02 1.67
N MET B 159 -13.18 -10.49 0.61
CA MET B 159 -11.82 -11.00 0.72
C MET B 159 -10.81 -9.87 0.49
N LYS B 160 -11.32 -8.65 0.40
CA LYS B 160 -10.50 -7.45 0.46
C LYS B 160 -9.62 -7.28 -0.78
N PHE B 161 -8.33 -7.15 -0.60
CA PHE B 161 -7.43 -6.96 -1.74
C PHE B 161 -6.72 -8.26 -2.07
N MET B 162 -6.86 -8.69 -3.34
CA MET B 162 -6.21 -9.90 -3.84
C MET B 162 -5.83 -9.72 -5.29
N THR B 163 -4.86 -10.49 -5.76
CA THR B 163 -4.66 -10.62 -7.21
C THR B 163 -5.88 -11.38 -7.79
N THR B 164 -6.09 -11.30 -9.11
CA THR B 164 -7.16 -12.06 -9.74
C THR B 164 -7.05 -13.57 -9.47
N PRO B 165 -5.87 -14.17 -9.70
CA PRO B 165 -5.72 -15.59 -9.45
C PRO B 165 -5.99 -16.01 -8.00
N GLN B 166 -5.66 -15.16 -7.03
CA GLN B 166 -5.96 -15.45 -5.64
C GLN B 166 -7.46 -15.54 -5.44
N LEU B 167 -8.21 -14.63 -6.05
CA LEU B 167 -9.64 -14.69 -5.90
C LEU B 167 -10.17 -15.97 -6.54
N HIS B 168 -9.68 -16.32 -7.73
CA HIS B 168 -10.10 -17.55 -8.38
C HIS B 168 -9.75 -18.73 -7.47
N TYR B 169 -8.55 -18.69 -6.89
CA TYR B 169 -8.11 -19.76 -5.99
C TYR B 169 -9.07 -19.93 -4.80
N VAL B 170 -9.56 -18.82 -4.22
CA VAL B 170 -10.46 -18.91 -3.04
C VAL B 170 -11.80 -19.54 -3.40
N VAL B 171 -12.34 -19.14 -4.54
CA VAL B 171 -13.59 -19.69 -5.08
C VAL B 171 -13.45 -21.21 -5.16
N ARG B 172 -12.46 -21.71 -5.88
CA ARG B 172 -12.24 -23.16 -6.02
C ARG B 172 -12.07 -23.89 -4.70
N CYS B 173 -11.28 -23.34 -3.76
CA CYS B 173 -11.11 -23.95 -2.43
C CYS B 173 -12.42 -24.19 -1.69
N LYS B 174 -13.25 -23.16 -1.62
CA LYS B 174 -14.51 -23.20 -0.89
C LYS B 174 -15.44 -24.26 -1.47
N ASN B 175 -15.39 -24.40 -2.79
CA ASN B 175 -16.21 -25.42 -3.42
C ASN B 175 -15.54 -26.80 -3.52
N THR B 176 -14.31 -26.94 -3.02
CA THR B 176 -13.69 -28.28 -3.02
C THR B 176 -13.30 -28.83 -1.64
N LEU B 177 -13.58 -28.10 -0.56
CA LEU B 177 -13.37 -28.61 0.77
C LEU B 177 -14.27 -29.82 0.95
N GLY B 178 -13.68 -30.90 1.44
CA GLY B 178 -14.42 -32.15 1.72
C GLY B 178 -14.42 -33.09 0.54
N THR B 179 -13.83 -32.64 -0.55
CA THR B 179 -13.80 -33.34 -1.81
C THR B 179 -12.54 -34.22 -1.91
N GLN B 180 -12.46 -35.05 -2.94
CA GLN B 180 -11.30 -35.93 -3.14
C GLN B 180 -10.15 -35.20 -3.85
N TYR B 181 -10.40 -33.96 -4.24
CA TYR B 181 -9.39 -33.11 -4.83
C TYR B 181 -9.49 -31.68 -4.26
N GLU B 182 -9.27 -31.58 -2.95
CA GLU B 182 -9.24 -30.30 -2.23
C GLU B 182 -8.15 -29.42 -2.82
N TYR B 183 -8.45 -28.13 -2.95
CA TYR B 183 -7.58 -27.24 -3.66
C TYR B 183 -6.71 -26.44 -2.70
N GLY B 184 -7.16 -26.34 -1.44
CA GLY B 184 -6.37 -25.75 -0.37
C GLY B 184 -7.25 -25.02 0.62
N GLU B 185 -6.64 -24.29 1.55
CA GLU B 185 -7.39 -23.49 2.51
C GLU B 185 -7.81 -22.19 1.81
N PRO B 186 -9.05 -21.73 2.04
CA PRO B 186 -9.57 -20.64 1.21
C PRO B 186 -9.23 -19.25 1.75
N THR B 187 -7.94 -18.98 1.93
CA THR B 187 -7.53 -17.70 2.47
C THR B 187 -6.38 -17.23 1.63
N GLU B 188 -6.07 -15.94 1.72
CA GLU B 188 -4.85 -15.39 1.17
C GLU B 188 -3.67 -16.17 1.78
N GLN B 189 -3.70 -16.36 3.11
CA GLN B 189 -2.66 -17.09 3.79
C GLN B 189 -2.52 -18.51 3.21
N GLY B 190 -3.64 -19.22 3.06
CA GLY B 190 -3.65 -20.56 2.47
C GLY B 190 -3.03 -20.57 1.07
N TYR B 191 -3.42 -19.61 0.23
CA TYR B 191 -2.79 -19.43 -1.07
C TYR B 191 -1.27 -19.41 -0.97
N TYR B 192 -0.72 -18.60 -0.06
CA TYR B 192 0.75 -18.53 0.09
C TYR B 192 1.35 -19.83 0.59
N GLU B 193 0.66 -20.49 1.54
CA GLU B 193 1.19 -21.73 2.14
C GLU B 193 1.30 -22.81 1.08
N LYS B 194 0.27 -22.90 0.24
CA LYS B 194 0.25 -23.83 -0.88
C LYS B 194 1.40 -23.64 -1.86
N LEU B 195 1.57 -22.40 -2.37
CA LEU B 195 2.64 -22.08 -3.31
C LEU B 195 4.02 -22.30 -2.72
N ALA B 196 4.22 -21.86 -1.47
CA ALA B 196 5.49 -22.07 -0.75
C ALA B 196 5.85 -23.54 -0.59
N ALA B 197 4.90 -24.36 -0.12
CA ALA B 197 5.12 -25.81 0.10
C ALA B 197 5.35 -26.50 -1.23
N ALA B 198 4.67 -26.04 -2.26
CA ALA B 198 4.83 -26.66 -3.58
C ALA B 198 6.21 -26.29 -4.11
N PHE B 199 6.61 -25.04 -3.92
CA PHE B 199 7.91 -24.55 -4.40
C PHE B 199 9.03 -25.27 -3.70
N LYS B 200 8.85 -25.50 -2.40
CA LYS B 200 9.85 -26.18 -1.59
C LYS B 200 10.12 -27.61 -2.09
N ARG B 201 9.05 -28.33 -2.43
CA ARG B 201 9.15 -29.70 -2.96
C ARG B 201 9.79 -29.73 -4.35
N VAL B 202 9.45 -28.78 -5.21
CA VAL B 202 10.02 -28.76 -6.58
C VAL B 202 11.53 -28.45 -6.50
N MET B 203 11.92 -27.63 -5.53
CA MET B 203 13.27 -27.10 -5.42
C MET B 203 14.24 -27.97 -4.62
N ARG B 204 13.76 -29.10 -4.10
CA ARG B 204 14.63 -30.03 -3.36
C ARG B 204 15.82 -30.47 -4.22
N GLY B 205 17.03 -30.21 -3.73
CA GLY B 205 18.24 -30.67 -4.40
C GLY B 205 18.74 -29.77 -5.52
N VAL B 206 18.14 -28.59 -5.65
CA VAL B 206 18.59 -27.66 -6.69
C VAL B 206 18.52 -26.20 -6.27
N LYS B 207 19.20 -25.33 -7.02
CA LYS B 207 19.27 -23.92 -6.66
C LYS B 207 19.11 -23.01 -7.87
N VAL B 208 18.36 -21.92 -7.69
CA VAL B 208 18.24 -20.82 -8.65
C VAL B 208 19.54 -20.00 -8.62
N LYS B 209 20.07 -19.68 -9.80
CA LYS B 209 21.25 -18.83 -9.95
C LYS B 209 20.81 -17.46 -10.43
N GLY B 210 21.45 -16.41 -9.93
CA GLY B 210 21.13 -15.04 -10.33
C GLY B 210 19.82 -14.50 -9.79
N SER B 211 19.78 -13.19 -9.59
CA SER B 211 18.61 -12.49 -9.08
C SER B 211 17.47 -12.42 -10.10
N LEU B 212 16.26 -12.14 -9.61
CA LEU B 212 15.14 -11.84 -10.47
C LEU B 212 14.57 -10.51 -10.06
N THR B 213 14.41 -9.62 -11.05
CA THR B 213 13.91 -8.28 -10.83
C THR B 213 12.51 -8.23 -11.41
N VAL B 214 11.51 -8.05 -10.54
CA VAL B 214 10.15 -8.18 -10.97
C VAL B 214 9.48 -6.83 -10.94
N ASP B 215 9.04 -6.39 -12.11
CA ASP B 215 8.23 -5.17 -12.20
C ASP B 215 6.80 -5.56 -11.87
N CYS B 216 6.27 -4.97 -10.80
CA CYS B 216 4.91 -5.30 -10.34
C CYS B 216 3.85 -4.30 -10.79
N ALA B 217 4.16 -3.52 -11.83
CA ALA B 217 3.16 -2.62 -12.44
C ALA B 217 2.55 -1.61 -11.47
N ASN B 218 3.14 -1.44 -10.29
CA ASN B 218 2.54 -0.61 -9.23
C ASN B 218 1.12 -1.08 -8.85
N GLY B 219 0.84 -2.36 -9.11
CA GLY B 219 -0.47 -2.93 -8.83
C GLY B 219 -0.50 -3.82 -7.61
N VAL B 220 -1.62 -4.54 -7.45
CA VAL B 220 -1.85 -5.42 -6.30
C VAL B 220 -0.85 -6.55 -6.24
N GLY B 221 -0.23 -6.88 -7.38
CA GLY B 221 0.75 -7.97 -7.48
C GLY B 221 1.99 -7.75 -6.62
N GLY B 222 2.30 -6.48 -6.38
CA GLY B 222 3.49 -6.10 -5.60
C GLY B 222 3.40 -6.46 -4.12
N PRO B 223 2.40 -5.91 -3.41
CA PRO B 223 2.30 -6.27 -1.99
C PRO B 223 2.05 -7.76 -1.82
N LYS B 224 1.45 -8.43 -2.81
CA LYS B 224 1.13 -9.86 -2.67
C LYS B 224 2.36 -10.76 -2.86
N LEU B 225 3.19 -10.43 -3.84
CA LEU B 225 4.50 -11.09 -4.00
C LEU B 225 5.34 -10.92 -2.75
N ARG B 226 5.33 -9.71 -2.19
CA ARG B 226 6.17 -9.41 -1.04
C ARG B 226 5.74 -10.26 0.13
N GLU B 227 4.43 -10.43 0.29
CA GLU B 227 3.91 -11.26 1.33
C GLU B 227 4.28 -12.72 1.05
N LEU B 228 4.13 -13.18 -0.19
CA LEU B 228 4.55 -14.55 -0.56
C LEU B 228 6.01 -14.84 -0.20
N ILE B 229 6.92 -13.94 -0.57
CA ILE B 229 8.35 -14.14 -0.30
C ILE B 229 8.62 -14.56 1.16
N LYS B 230 7.81 -14.06 2.09
CA LYS B 230 7.97 -14.41 3.51
C LYS B 230 7.64 -15.86 3.85
N TYR B 231 6.90 -16.56 2.99
CA TYR B 231 6.51 -17.96 3.24
C TYR B 231 7.49 -18.91 2.59
N LEU B 232 8.24 -18.37 1.63
CA LEU B 232 9.10 -19.14 0.76
C LEU B 232 10.31 -19.66 1.53
N PRO B 233 10.78 -20.86 1.20
CA PRO B 233 11.94 -21.35 1.95
C PRO B 233 13.16 -20.49 1.62
N GLU B 234 14.15 -20.51 2.50
CA GLU B 234 15.26 -19.55 2.45
C GLU B 234 16.49 -20.08 1.71
N ASP B 235 16.48 -21.36 1.35
CA ASP B 235 17.66 -21.97 0.76
C ASP B 235 17.45 -22.39 -0.69
N THR B 236 16.61 -21.64 -1.41
CA THR B 236 16.33 -21.96 -2.81
C THR B 236 17.23 -21.20 -3.77
N GLY B 237 17.95 -20.21 -3.25
CA GLY B 237 18.82 -19.37 -4.06
C GLY B 237 18.07 -18.22 -4.70
N LEU B 238 16.73 -18.29 -4.66
CA LEU B 238 15.84 -17.27 -5.25
C LEU B 238 15.99 -15.95 -4.51
N ASP B 239 16.19 -14.91 -5.30
CA ASP B 239 16.47 -13.61 -4.78
C ASP B 239 15.67 -12.63 -5.62
N ILE B 240 14.47 -12.31 -5.15
CA ILE B 240 13.56 -11.47 -5.89
C ILE B 240 13.73 -10.02 -5.47
N LYS B 241 14.03 -9.16 -6.44
CA LYS B 241 14.00 -7.71 -6.24
C LYS B 241 12.71 -7.12 -6.85
N ILE B 242 11.84 -6.62 -5.98
CA ILE B 242 10.58 -6.01 -6.41
C ILE B 242 10.78 -4.54 -6.77
N VAL B 243 10.41 -4.16 -8.00
CA VAL B 243 10.39 -2.73 -8.38
C VAL B 243 8.98 -2.41 -8.86
N ASN B 244 8.65 -1.13 -8.89
CA ASN B 244 7.32 -0.64 -9.28
C ASN B 244 6.21 -1.21 -8.37
N ASP B 245 6.29 -0.84 -7.11
CA ASP B 245 5.36 -1.26 -6.08
C ASP B 245 4.74 -0.05 -5.42
N ASP B 246 4.55 1.00 -6.21
CA ASP B 246 4.05 2.28 -5.72
C ASP B 246 2.50 2.30 -5.69
N VAL B 247 1.94 1.57 -4.73
CA VAL B 247 0.50 1.29 -4.64
C VAL B 247 -0.29 2.37 -3.89
N ILE B 248 0.36 3.15 -3.00
CA ILE B 248 -0.29 4.30 -2.37
C ILE B 248 -0.89 5.20 -3.43
N ASN B 249 -0.14 5.38 -4.51
CA ASN B 249 -0.46 6.37 -5.52
C ASN B 249 -1.27 5.79 -6.68
N PRO B 250 -2.59 6.05 -6.70
CA PRO B 250 -3.43 5.43 -7.74
C PRO B 250 -2.95 5.72 -9.17
N ASP B 251 -2.45 6.92 -9.42
CA ASP B 251 -1.96 7.35 -10.77
C ASP B 251 -0.81 6.52 -11.29
N SER B 252 -0.13 5.79 -10.41
CA SER B 252 1.03 4.98 -10.78
C SER B 252 0.68 3.66 -11.49
N LEU B 253 -0.56 3.23 -11.35
CA LEU B 253 -0.94 1.89 -11.77
C LEU B 253 -0.75 1.69 -13.28
N ASN B 254 0.02 0.67 -13.65
CA ASN B 254 0.28 0.37 -15.07
C ASN B 254 0.85 1.54 -15.89
N PHE B 255 1.30 2.59 -15.21
CA PHE B 255 1.97 3.73 -15.89
C PHE B 255 3.40 3.37 -16.28
N GLU B 256 3.63 3.20 -17.60
CA GLU B 256 4.98 2.96 -18.15
C GLU B 256 5.72 1.71 -17.61
N CYS B 257 4.93 0.68 -17.30
CA CYS B 257 5.31 -0.60 -16.70
C CYS B 257 3.94 -1.30 -16.55
N GLY B 258 3.80 -2.60 -16.26
CA GLY B 258 4.70 -3.65 -16.53
C GLY B 258 4.20 -4.48 -17.71
N ALA B 259 3.49 -5.57 -17.45
CA ALA B 259 3.40 -6.64 -18.49
C ALA B 259 2.81 -6.19 -19.82
N ASP B 260 1.66 -5.54 -19.80
CA ASP B 260 1.08 -5.00 -21.02
C ASP B 260 2.01 -3.99 -21.68
N TYR B 261 2.58 -3.07 -20.90
CA TYR B 261 3.58 -2.13 -21.44
C TYR B 261 4.72 -2.88 -22.14
N VAL B 262 5.31 -3.85 -21.46
CA VAL B 262 6.53 -4.50 -21.94
C VAL B 262 6.28 -5.31 -23.21
N LYS B 263 5.18 -6.04 -23.23
CA LYS B 263 4.80 -6.91 -24.34
C LYS B 263 4.46 -6.11 -25.60
N THR B 264 3.64 -5.08 -25.43
CA THR B 264 3.17 -4.31 -26.59
C THR B 264 4.23 -3.33 -27.10
N LYS B 265 5.01 -2.71 -26.22
CA LYS B 265 6.00 -1.76 -26.73
C LYS B 265 7.35 -2.43 -27.01
N GLN B 266 7.43 -3.73 -26.72
CA GLN B 266 8.64 -4.56 -26.90
C GLN B 266 9.91 -3.88 -26.38
N ARG B 267 9.90 -3.53 -25.09
CA ARG B 267 11.07 -2.98 -24.41
C ARG B 267 10.82 -2.99 -22.92
N ALA B 268 11.89 -2.76 -22.16
CA ALA B 268 11.83 -2.63 -20.71
C ALA B 268 11.11 -1.34 -20.28
N PRO B 269 10.51 -1.32 -19.07
CA PRO B 269 9.96 -0.07 -18.54
C PRO B 269 11.08 0.97 -18.47
N PRO B 270 10.80 2.25 -18.83
CA PRO B 270 11.84 3.31 -18.82
C PRO B 270 12.53 3.49 -17.47
N SER B 271 11.81 3.21 -16.38
CA SER B 271 12.36 3.42 -15.05
C SER B 271 13.26 2.26 -14.56
N SER B 272 13.24 1.15 -15.30
CA SER B 272 14.09 -0.02 -15.03
C SER B 272 15.56 0.36 -14.78
N LYS B 273 16.15 -0.29 -13.78
CA LYS B 273 17.52 -0.08 -13.34
C LYS B 273 18.37 -1.34 -13.60
N ALA B 274 17.77 -2.35 -14.21
CA ALA B 274 18.45 -3.63 -14.44
C ALA B 274 19.74 -3.51 -15.24
N SER B 275 20.75 -4.29 -14.87
CA SER B 275 22.03 -4.38 -15.58
C SER B 275 21.99 -5.45 -16.69
N ILE B 276 23.02 -5.44 -17.53
CA ILE B 276 23.21 -6.46 -18.57
C ILE B 276 23.06 -7.85 -17.94
N LEU B 277 22.24 -8.69 -18.56
CA LEU B 277 22.06 -10.09 -18.16
C LEU B 277 21.20 -10.33 -16.90
N ASP B 278 20.80 -9.28 -16.20
CA ASP B 278 19.84 -9.42 -15.10
C ASP B 278 18.51 -9.97 -15.61
N ARG B 279 18.20 -11.17 -15.14
CA ARG B 279 16.94 -11.83 -15.47
C ARG B 279 15.82 -10.98 -14.88
N CYS B 280 14.87 -10.58 -15.72
CA CYS B 280 13.77 -9.72 -15.31
C CYS B 280 12.43 -10.30 -15.69
N ALA B 281 11.37 -9.79 -15.06
CA ALA B 281 10.02 -10.14 -15.41
C ALA B 281 9.08 -8.98 -15.10
N SER B 282 7.89 -9.00 -15.71
CA SER B 282 6.87 -7.99 -15.46
C SER B 282 5.53 -8.67 -15.30
N LEU B 283 4.85 -8.37 -14.18
CA LEU B 283 3.43 -8.70 -13.97
C LEU B 283 2.52 -7.67 -14.62
N ASP B 284 1.25 -8.04 -14.87
CA ASP B 284 0.22 -7.02 -15.15
C ASP B 284 -0.37 -6.52 -13.81
N GLY B 285 -1.25 -5.52 -13.90
CA GLY B 285 -1.80 -4.91 -12.72
C GLY B 285 -2.64 -5.80 -11.84
N ASP B 286 -3.25 -6.85 -12.40
CA ASP B 286 -3.98 -7.81 -11.56
C ASP B 286 -3.21 -9.14 -11.36
N ALA B 287 -1.96 -9.12 -11.80
CA ALA B 287 -1.05 -10.25 -11.64
C ALA B 287 -1.62 -11.58 -12.16
N ASP B 288 -2.23 -11.57 -13.34
CA ASP B 288 -2.58 -12.83 -14.01
C ASP B 288 -1.81 -12.97 -15.36
N ARG B 289 -0.91 -12.03 -15.62
CA ARG B 289 -0.09 -12.06 -16.81
C ARG B 289 1.37 -11.85 -16.44
N ILE B 290 2.26 -12.65 -17.03
CA ILE B 290 3.68 -12.42 -16.79
C ILE B 290 4.49 -12.62 -18.05
N LEU B 291 5.54 -11.80 -18.21
CA LEU B 291 6.67 -12.16 -19.09
C LEU B 291 8.06 -11.78 -18.64
N TYR B 292 9.02 -12.50 -19.20
CA TYR B 292 10.41 -12.37 -18.83
C TYR B 292 11.12 -11.58 -19.91
N TYR B 293 12.23 -10.95 -19.53
CA TYR B 293 13.09 -10.29 -20.47
C TYR B 293 14.43 -10.09 -19.80
N PHE B 294 15.43 -9.75 -20.61
CA PHE B 294 16.74 -9.39 -20.11
C PHE B 294 17.42 -8.59 -21.20
N LEU B 295 18.48 -7.88 -20.80
CA LEU B 295 19.41 -7.26 -21.73
C LEU B 295 20.54 -8.26 -21.99
N ASP B 296 20.76 -8.62 -23.26
CA ASP B 296 21.80 -9.59 -23.56
C ASP B 296 23.21 -8.94 -23.51
N GLU B 297 24.27 -9.69 -23.81
CA GLU B 297 25.64 -9.17 -23.65
C GLU B 297 25.91 -7.92 -24.48
N GLY B 298 25.29 -7.84 -25.66
CA GLY B 298 25.42 -6.66 -26.52
C GLY B 298 24.48 -5.54 -26.13
N ASN B 299 23.94 -5.61 -24.90
CA ASN B 299 23.02 -4.59 -24.35
C ASN B 299 21.72 -4.36 -25.14
N VAL B 300 21.15 -5.43 -25.69
CA VAL B 300 19.89 -5.38 -26.43
C VAL B 300 18.80 -6.13 -25.63
N PHE B 301 17.62 -5.52 -25.57
CA PHE B 301 16.45 -6.08 -24.90
C PHE B 301 15.93 -7.30 -25.66
N ARG B 302 15.79 -8.37 -24.91
CA ARG B 302 15.30 -9.61 -25.49
C ARG B 302 14.08 -10.03 -24.73
N LEU B 303 12.97 -10.21 -25.45
CA LEU B 303 11.68 -10.50 -24.82
C LEU B 303 11.39 -11.99 -24.78
N LEU B 304 10.94 -12.46 -23.61
CA LEU B 304 10.58 -13.86 -23.41
C LEU B 304 9.11 -13.89 -22.97
N ASP B 305 8.23 -13.97 -23.96
CA ASP B 305 6.83 -13.74 -23.76
C ASP B 305 6.07 -15.05 -23.48
N GLY B 306 4.75 -15.00 -23.50
CA GLY B 306 3.91 -16.16 -23.13
C GLY B 306 4.24 -17.44 -23.87
N ASP B 307 4.51 -17.33 -25.17
CA ASP B 307 4.82 -18.48 -25.99
C ASP B 307 6.17 -19.09 -25.62
N ARG B 308 7.11 -18.23 -25.25
CA ARG B 308 8.42 -18.65 -24.78
C ARG B 308 8.28 -19.37 -23.41
N ILE B 309 7.38 -18.86 -22.56
CA ILE B 309 7.05 -19.55 -21.30
C ILE B 309 6.34 -20.89 -21.54
N ALA B 310 5.43 -20.96 -22.50
CA ALA B 310 4.73 -22.23 -22.81
C ALA B 310 5.71 -23.31 -23.32
N THR B 311 6.68 -22.92 -24.13
CA THR B 311 7.64 -23.88 -24.69
C THR B 311 8.62 -24.35 -23.61
N LEU B 312 8.96 -23.45 -22.69
CA LEU B 312 9.84 -23.77 -21.56
C LEU B 312 9.21 -24.83 -20.66
N ALA B 313 7.98 -24.55 -20.23
CA ALA B 313 7.14 -25.44 -19.44
C ALA B 313 6.97 -26.80 -20.15
N ALA B 314 6.53 -26.75 -21.41
CA ALA B 314 6.33 -27.98 -22.19
C ALA B 314 7.58 -28.83 -22.22
N SER B 315 8.73 -28.21 -22.44
CA SER B 315 9.98 -28.94 -22.48
C SER B 315 10.20 -29.67 -21.16
N PHE B 316 9.99 -28.96 -20.06
CA PHE B 316 10.21 -29.45 -18.71
C PHE B 316 9.28 -30.60 -18.34
N ILE B 317 8.03 -30.50 -18.74
CA ILE B 317 7.05 -31.48 -18.33
C ILE B 317 7.16 -32.73 -19.20
N GLY B 318 7.64 -32.56 -20.43
CA GLY B 318 7.93 -33.68 -21.31
C GLY B 318 9.03 -34.54 -20.72
N ASP B 319 10.11 -33.89 -20.28
CA ASP B 319 11.24 -34.62 -19.71
C ASP B 319 10.84 -35.32 -18.42
N LEU B 320 10.11 -34.61 -17.56
CA LEU B 320 9.61 -35.15 -16.31
C LEU B 320 8.73 -36.39 -16.51
N ALA B 321 7.91 -36.36 -17.56
CA ALA B 321 7.08 -37.49 -17.92
C ALA B 321 7.92 -38.70 -18.34
N ARG B 322 8.97 -38.44 -19.08
CA ARG B 322 9.86 -39.50 -19.57
C ARG B 322 10.70 -40.12 -18.46
N SER B 323 11.42 -39.28 -17.71
CA SER B 323 12.21 -39.77 -16.57
C SER B 323 11.34 -40.43 -15.49
N ALA B 324 10.09 -40.00 -15.38
CA ALA B 324 9.11 -40.66 -14.52
C ALA B 324 8.54 -41.94 -15.15
N GLY B 325 8.69 -42.07 -16.46
CA GLY B 325 8.26 -43.27 -17.18
C GLY B 325 6.78 -43.33 -17.54
N ILE B 326 6.10 -42.18 -17.48
CA ILE B 326 4.66 -42.16 -17.70
C ILE B 326 4.27 -41.42 -18.96
N ALA B 327 5.26 -41.14 -19.79
CA ALA B 327 5.06 -40.32 -20.99
C ALA B 327 4.12 -41.01 -22.00
N GLN B 328 4.22 -42.34 -22.04
CA GLN B 328 3.38 -43.18 -22.89
C GLN B 328 1.96 -43.31 -22.36
N LYS B 329 1.79 -43.06 -21.06
CA LYS B 329 0.49 -43.17 -20.38
C LYS B 329 -0.24 -41.84 -20.21
N LEU B 330 0.34 -40.76 -20.71
CA LEU B 330 -0.22 -39.42 -20.56
C LEU B 330 -0.18 -38.65 -21.87
N LYS B 331 -1.29 -38.02 -22.21
CA LYS B 331 -1.36 -37.17 -23.40
C LYS B 331 -0.96 -35.75 -23.03
N ILE B 332 0.25 -35.38 -23.39
CA ILE B 332 0.72 -34.03 -23.16
C ILE B 332 0.59 -33.24 -24.47
N GLY B 333 0.05 -32.03 -24.37
CA GLY B 333 -0.10 -31.15 -25.51
C GLY B 333 0.10 -29.68 -25.19
N VAL B 334 0.36 -28.90 -26.23
CA VAL B 334 0.46 -27.43 -26.11
C VAL B 334 -0.60 -26.78 -26.97
N VAL B 335 -1.34 -25.86 -26.38
CA VAL B 335 -2.39 -25.15 -27.08
C VAL B 335 -1.89 -23.75 -27.44
N GLN B 336 -2.01 -23.39 -28.73
CA GLN B 336 -1.59 -22.06 -29.20
C GLN B 336 -2.71 -21.37 -29.97
N THR B 337 -2.48 -20.11 -30.31
CA THR B 337 -3.33 -19.39 -31.24
C THR B 337 -2.58 -19.24 -32.56
N ALA B 338 -3.27 -18.70 -33.57
CA ALA B 338 -2.65 -18.50 -34.86
C ALA B 338 -1.47 -17.49 -34.84
N TYR B 339 -1.44 -16.62 -33.83
CA TYR B 339 -0.35 -15.65 -33.60
C TYR B 339 0.98 -16.22 -33.08
N ALA B 340 0.95 -17.47 -32.62
CA ALA B 340 2.16 -18.15 -32.18
C ALA B 340 3.15 -18.26 -33.34
N ASN B 341 4.38 -17.79 -33.12
CA ASN B 341 5.39 -17.83 -34.16
C ASN B 341 5.57 -19.25 -34.69
N GLY B 342 5.66 -19.40 -36.00
CA GLY B 342 5.82 -20.72 -36.61
C GLY B 342 6.95 -21.55 -36.03
N SER B 343 8.03 -20.88 -35.60
CA SER B 343 9.16 -21.57 -34.98
C SER B 343 8.81 -22.24 -33.66
N SER B 344 8.04 -21.56 -32.82
CA SER B 344 7.62 -22.16 -31.55
C SER B 344 6.83 -23.45 -31.79
N THR B 345 5.93 -23.41 -32.78
CA THR B 345 5.17 -24.58 -33.19
C THR B 345 6.07 -25.70 -33.68
N GLU B 346 7.01 -25.36 -34.59
CA GLU B 346 8.01 -26.31 -35.08
C GLU B 346 8.81 -26.93 -33.92
N TYR B 347 9.27 -26.06 -33.03
CA TYR B 347 9.99 -26.53 -31.86
C TYR B 347 9.17 -27.56 -31.01
N ILE B 348 7.88 -27.31 -30.83
CA ILE B 348 6.98 -28.25 -30.14
C ILE B 348 6.88 -29.60 -30.85
N GLU B 349 6.77 -29.58 -32.19
CA GLU B 349 6.56 -30.79 -32.98
C GLU B 349 7.86 -31.54 -33.31
N LYS B 350 8.93 -30.80 -33.64
CA LYS B 350 10.21 -31.41 -34.03
C LYS B 350 11.10 -31.78 -32.84
N VAL B 351 11.18 -30.91 -31.85
CA VAL B 351 12.13 -31.09 -30.74
C VAL B 351 11.48 -31.73 -29.50
N LEU B 352 10.39 -31.15 -29.01
CA LEU B 352 9.67 -31.74 -27.87
C LEU B 352 8.94 -33.03 -28.29
N LYS B 353 8.64 -33.14 -29.58
CA LYS B 353 7.87 -34.26 -30.11
C LYS B 353 6.51 -34.37 -29.40
N LEU B 354 5.86 -33.23 -29.18
CA LEU B 354 4.52 -33.17 -28.62
C LEU B 354 3.54 -32.62 -29.64
N PRO B 355 2.24 -32.92 -29.49
CA PRO B 355 1.25 -32.30 -30.37
C PRO B 355 0.93 -30.83 -30.01
N SER B 356 0.71 -30.00 -31.02
CA SER B 356 0.16 -28.66 -30.78
C SER B 356 -1.24 -28.55 -31.35
N VAL B 357 -2.10 -27.80 -30.69
CA VAL B 357 -3.41 -27.51 -31.22
C VAL B 357 -3.59 -25.99 -31.30
N CYS B 358 -3.94 -25.54 -32.48
CA CYS B 358 -4.27 -24.15 -32.73
C CYS B 358 -5.75 -23.92 -32.49
N THR B 359 -6.11 -23.09 -31.49
CA THR B 359 -7.51 -22.67 -31.34
C THR B 359 -7.67 -21.18 -31.64
N ASN B 360 -8.92 -20.70 -31.68
CA ASN B 360 -9.24 -19.27 -31.74
C ASN B 360 -8.61 -18.49 -30.58
N THR B 361 -8.46 -17.17 -30.75
CA THR B 361 -7.92 -16.30 -29.69
C THR B 361 -8.90 -16.25 -28.52
N GLY B 362 -8.41 -15.95 -27.33
CA GLY B 362 -9.25 -15.86 -26.15
C GLY B 362 -9.03 -17.04 -25.23
N VAL B 363 -8.95 -16.77 -23.93
CA VAL B 363 -8.61 -17.78 -22.93
C VAL B 363 -9.67 -18.89 -22.85
N LYS B 364 -10.91 -18.52 -23.14
CA LYS B 364 -12.03 -19.43 -23.27
C LYS B 364 -11.66 -20.66 -24.12
N HIS B 365 -11.22 -20.41 -25.35
CA HIS B 365 -10.89 -21.47 -26.30
C HIS B 365 -9.61 -22.22 -25.92
N LEU B 366 -8.60 -21.50 -25.46
CA LEU B 366 -7.33 -22.13 -25.09
C LEU B 366 -7.50 -23.09 -23.89
N HIS B 367 -8.21 -22.64 -22.87
CA HIS B 367 -8.42 -23.44 -21.65
C HIS B 367 -9.20 -24.74 -21.93
N HIS B 368 -10.34 -24.59 -22.58
CA HIS B 368 -11.17 -25.73 -23.01
C HIS B 368 -10.38 -26.78 -23.82
N ALA B 369 -9.56 -26.33 -24.78
CA ALA B 369 -8.75 -27.26 -25.56
C ALA B 369 -7.64 -27.92 -24.71
N ALA B 370 -7.10 -27.14 -23.75
CA ALA B 370 -6.04 -27.63 -22.87
C ALA B 370 -6.50 -28.81 -22.02
N MET B 371 -7.75 -28.77 -21.59
CA MET B 371 -8.36 -29.85 -20.79
C MET B 371 -8.62 -31.17 -21.55
N ARG B 372 -8.56 -31.14 -22.89
CA ARG B 372 -8.65 -32.37 -23.70
C ARG B 372 -7.33 -33.17 -23.68
N PHE B 373 -6.27 -32.60 -23.10
CA PHE B 373 -5.04 -33.35 -22.83
C PHE B 373 -5.06 -33.79 -21.38
N ASP B 374 -4.20 -34.75 -21.02
CA ASP B 374 -3.97 -35.02 -19.63
C ASP B 374 -3.22 -33.85 -19.01
N VAL B 375 -2.25 -33.34 -19.78
CA VAL B 375 -1.42 -32.20 -19.41
C VAL B 375 -1.39 -31.21 -20.57
N GLY B 376 -2.13 -30.12 -20.39
CA GLY B 376 -2.35 -29.13 -21.42
C GLY B 376 -1.65 -27.84 -21.07
N VAL B 377 -0.61 -27.52 -21.83
CA VAL B 377 0.07 -26.23 -21.72
C VAL B 377 -0.65 -25.19 -22.60
N TYR B 378 -1.00 -24.05 -22.02
CA TYR B 378 -1.52 -22.96 -22.84
C TYR B 378 -1.06 -21.62 -22.30
N PHE B 379 -0.55 -20.78 -23.20
CA PHE B 379 -0.25 -19.38 -22.90
C PHE B 379 -0.54 -18.60 -24.17
N GLU B 380 -1.02 -17.37 -24.01
CA GLU B 380 -0.98 -16.45 -25.09
C GLU B 380 0.32 -15.68 -24.96
N ALA B 381 0.73 -15.06 -26.05
CA ALA B 381 1.90 -14.17 -26.11
C ALA B 381 1.89 -13.16 -24.95
N ASN B 382 0.69 -12.66 -24.62
CA ASN B 382 0.54 -11.62 -23.60
C ASN B 382 0.89 -12.06 -22.16
N GLY B 383 1.37 -13.30 -22.00
CA GLY B 383 1.80 -13.77 -20.69
C GLY B 383 0.67 -14.32 -19.85
N HIS B 384 -0.53 -14.47 -20.42
CA HIS B 384 -1.57 -15.18 -19.71
C HIS B 384 -1.56 -16.66 -20.05
N GLY B 385 -1.39 -17.49 -19.04
CA GLY B 385 -1.54 -18.93 -19.26
C GLY B 385 -1.25 -19.83 -18.09
N THR B 386 -1.57 -21.11 -18.27
CA THR B 386 -1.28 -22.09 -17.24
C THR B 386 -1.13 -23.50 -17.84
N ILE B 387 -1.02 -24.51 -16.97
CA ILE B 387 -0.97 -25.90 -17.36
C ILE B 387 -2.10 -26.66 -16.64
N THR B 388 -3.01 -27.28 -17.39
CA THR B 388 -4.09 -28.05 -16.78
C THR B 388 -3.72 -29.51 -16.62
N PHE B 389 -4.14 -30.09 -15.51
CA PHE B 389 -3.98 -31.51 -15.24
C PHE B 389 -5.33 -32.18 -15.09
N SER B 390 -5.59 -33.21 -15.91
CA SER B 390 -6.82 -33.98 -15.83
C SER B 390 -6.83 -34.89 -14.59
N GLU B 391 -8.02 -35.27 -14.14
CA GLU B 391 -8.19 -36.26 -13.07
C GLU B 391 -7.32 -37.46 -13.33
N ASN B 392 -7.34 -37.93 -14.58
CA ASN B 392 -6.51 -39.04 -15.03
C ASN B 392 -5.01 -38.75 -14.87
N ALA B 393 -4.60 -37.50 -15.06
CA ALA B 393 -3.20 -37.15 -14.94
C ALA B 393 -2.78 -37.16 -13.46
N LEU B 394 -3.57 -36.47 -12.63
CA LEU B 394 -3.40 -36.52 -11.17
C LEU B 394 -3.43 -37.95 -10.63
N LYS B 395 -4.31 -38.79 -11.17
CA LYS B 395 -4.39 -40.17 -10.70
C LYS B 395 -3.13 -40.97 -11.06
N THR B 396 -2.58 -40.80 -12.26
CA THR B 396 -1.40 -41.60 -12.61
C THR B 396 -0.13 -41.03 -11.96
N ILE B 397 -0.04 -39.71 -11.87
CA ILE B 397 1.06 -39.05 -11.18
C ILE B 397 1.12 -39.47 -9.69
N LYS B 398 -0.04 -39.45 -9.03
CA LYS B 398 -0.13 -39.77 -7.61
C LYS B 398 0.16 -41.25 -7.31
N ASN B 399 -0.29 -42.16 -8.20
CA ASN B 399 -0.27 -43.60 -7.91
C ASN B 399 0.74 -44.52 -8.60
N THR B 400 1.62 -43.99 -9.44
CA THR B 400 2.56 -44.87 -10.18
C THR B 400 3.71 -45.33 -9.29
N GLU B 401 3.92 -46.64 -9.24
CA GLU B 401 5.02 -47.23 -8.48
C GLU B 401 6.33 -47.04 -9.25
N PRO B 402 7.24 -46.20 -8.71
CA PRO B 402 8.51 -45.90 -9.37
C PRO B 402 9.47 -47.10 -9.31
N GLN B 403 10.33 -47.25 -10.32
CA GLN B 403 11.23 -48.40 -10.42
C GLN B 403 12.69 -48.02 -10.14
N SER B 404 12.96 -46.72 -10.17
CA SER B 404 14.29 -46.18 -9.95
C SER B 404 14.22 -44.91 -9.09
N PRO B 405 15.32 -44.58 -8.40
CA PRO B 405 15.41 -43.32 -7.62
C PRO B 405 15.16 -42.05 -8.45
N ALA B 406 15.66 -42.05 -9.69
CA ALA B 406 15.43 -40.94 -10.61
C ALA B 406 13.95 -40.87 -10.97
N GLN B 407 13.37 -42.04 -11.26
CA GLN B 407 11.94 -42.19 -11.56
C GLN B 407 11.05 -41.69 -10.43
N GLN B 408 11.41 -41.99 -9.17
CA GLN B 408 10.65 -41.48 -8.02
C GLN B 408 10.81 -39.97 -7.83
N ARG B 409 12.02 -39.47 -8.08
CA ARG B 409 12.30 -38.07 -7.91
C ARG B 409 11.55 -37.25 -8.98
N SER B 410 11.44 -37.83 -10.17
CA SER B 410 10.66 -37.23 -11.25
C SER B 410 9.15 -37.22 -10.95
N LEU B 411 8.66 -38.30 -10.34
CA LEU B 411 7.25 -38.38 -9.92
C LEU B 411 6.87 -37.36 -8.84
N GLU B 412 7.72 -37.26 -7.81
CA GLU B 412 7.50 -36.30 -6.71
C GLU B 412 7.51 -34.88 -7.25
N CYS B 413 8.50 -34.57 -8.07
CA CYS B 413 8.64 -33.25 -8.64
C CYS B 413 7.42 -32.88 -9.54
N LEU B 414 6.95 -33.84 -10.31
CA LEU B 414 5.72 -33.70 -11.09
C LEU B 414 4.52 -33.50 -10.16
N GLN B 415 4.48 -34.24 -9.06
CA GLN B 415 3.36 -34.10 -8.13
C GLN B 415 3.32 -32.69 -7.53
N ALA B 416 4.48 -32.18 -7.12
CA ALA B 416 4.58 -30.82 -6.66
C ALA B 416 4.12 -29.78 -7.70
N LEU B 417 4.48 -29.97 -8.97
CA LEU B 417 4.03 -29.07 -10.05
C LEU B 417 2.52 -28.92 -10.10
N THR B 418 1.86 -30.01 -9.75
CA THR B 418 0.41 -30.09 -9.59
C THR B 418 -0.15 -29.08 -8.59
N ASP B 419 0.62 -28.80 -7.54
CA ASP B 419 0.21 -27.88 -6.48
C ASP B 419 0.72 -26.45 -6.70
N LEU B 420 1.79 -26.32 -7.48
CA LEU B 420 2.41 -25.02 -7.75
C LEU B 420 1.67 -24.30 -8.85
N ILE B 421 1.32 -25.05 -9.89
CA ILE B 421 0.67 -24.46 -11.04
C ILE B 421 -0.82 -24.32 -10.80
N ASN B 422 -1.28 -23.07 -10.86
CA ASN B 422 -2.69 -22.72 -10.65
C ASN B 422 -3.59 -23.36 -11.72
N GLN B 423 -4.57 -24.13 -11.25
CA GLN B 423 -5.47 -24.90 -12.13
C GLN B 423 -6.68 -24.12 -12.62
N ALA B 424 -7.04 -23.10 -11.86
CA ALA B 424 -8.23 -22.34 -12.11
C ALA B 424 -8.02 -21.27 -13.19
N VAL B 425 -6.84 -20.67 -13.21
CA VAL B 425 -6.58 -19.53 -14.10
C VAL B 425 -5.09 -19.18 -14.14
N GLY B 426 -4.64 -18.65 -15.27
CA GLY B 426 -3.30 -18.09 -15.42
C GLY B 426 -2.94 -17.24 -14.21
N ASP B 427 -1.80 -17.57 -13.60
CA ASP B 427 -1.40 -16.96 -12.35
C ASP B 427 0.06 -16.60 -12.57
N ALA B 428 0.34 -15.29 -12.58
CA ALA B 428 1.64 -14.78 -12.95
C ALA B 428 2.65 -15.09 -11.88
N ILE B 429 2.22 -15.03 -10.62
CA ILE B 429 3.12 -15.30 -9.50
C ILE B 429 3.46 -16.80 -9.49
N SER B 430 2.46 -17.62 -9.70
CA SER B 430 2.64 -19.06 -9.81
C SER B 430 3.51 -19.38 -11.03
N ASP B 431 3.23 -18.75 -12.17
CA ASP B 431 4.03 -18.96 -13.37
C ASP B 431 5.49 -18.52 -13.19
N MET B 432 5.69 -17.43 -12.44
CA MET B 432 7.02 -16.97 -12.06
C MET B 432 7.82 -18.07 -11.35
N LEU B 433 7.27 -18.55 -10.23
CA LEU B 433 7.89 -19.67 -9.49
C LEU B 433 8.17 -20.88 -10.39
N LEU B 434 7.26 -21.16 -11.32
CA LEU B 434 7.42 -22.24 -12.28
C LEU B 434 8.70 -22.06 -13.11
N VAL B 435 8.82 -20.88 -13.69
CA VAL B 435 9.91 -20.53 -14.57
C VAL B 435 11.22 -20.62 -13.81
N GLU B 436 11.23 -20.07 -12.59
CA GLU B 436 12.44 -20.04 -11.78
C GLU B 436 12.86 -21.46 -11.46
N ALA B 437 11.89 -22.33 -11.14
CA ALA B 437 12.16 -23.75 -10.86
C ALA B 437 12.73 -24.47 -12.08
N ILE B 438 12.09 -24.30 -13.25
CA ILE B 438 12.55 -24.89 -14.53
C ILE B 438 13.98 -24.48 -14.90
N LEU B 439 14.22 -23.16 -14.93
CA LEU B 439 15.54 -22.64 -15.25
C LEU B 439 16.57 -23.21 -14.27
N ALA B 440 16.23 -23.22 -12.99
CA ALA B 440 17.09 -23.80 -11.97
C ALA B 440 17.39 -25.30 -12.19
N HIS B 441 16.38 -26.10 -12.49
CA HIS B 441 16.54 -27.56 -12.73
C HIS B 441 17.31 -27.86 -14.02
N LYS B 442 17.02 -27.10 -15.07
CA LYS B 442 17.76 -27.17 -16.33
C LYS B 442 19.17 -26.58 -16.21
N GLY B 443 19.40 -25.74 -15.19
CA GLY B 443 20.64 -24.99 -15.06
C GLY B 443 20.83 -24.02 -16.22
N TRP B 444 19.80 -23.23 -16.51
CA TRP B 444 19.79 -22.34 -17.69
C TRP B 444 19.81 -20.86 -17.36
N THR B 445 20.57 -20.12 -18.15
CA THR B 445 20.51 -18.67 -18.15
C THR B 445 19.37 -18.25 -19.05
N PRO B 446 18.90 -16.98 -18.91
CA PRO B 446 17.94 -16.48 -19.90
C PRO B 446 18.44 -16.58 -21.35
N LYS B 447 19.73 -16.39 -21.59
CA LYS B 447 20.31 -16.54 -22.92
C LYS B 447 20.13 -17.96 -23.49
N GLU B 448 20.29 -18.97 -22.63
CA GLU B 448 20.08 -20.37 -23.02
C GLU B 448 18.61 -20.68 -23.31
N TRP B 449 17.72 -20.01 -22.60
CA TRP B 449 16.28 -20.16 -22.83
C TRP B 449 15.93 -19.52 -24.20
N LEU B 450 16.54 -18.37 -24.50
CA LEU B 450 16.36 -17.67 -25.79
C LEU B 450 16.87 -18.51 -26.98
N ALA B 451 18.03 -19.15 -26.80
CA ALA B 451 18.69 -19.92 -27.88
C ALA B 451 17.95 -21.21 -28.23
N THR B 452 17.00 -21.60 -27.38
CA THR B 452 16.23 -22.82 -27.55
C THR B 452 15.66 -23.03 -28.97
N TYR B 453 15.20 -21.95 -29.60
CA TYR B 453 14.82 -21.89 -31.02
C TYR B 453 14.83 -20.43 -31.45
N THR B 454 14.73 -20.13 -32.74
CA THR B 454 14.68 -18.74 -33.20
C THR B 454 13.37 -18.44 -33.95
N ASP B 455 12.68 -17.38 -33.51
CA ASP B 455 11.46 -16.87 -34.14
C ASP B 455 11.71 -16.52 -35.59
N LEU B 456 10.73 -16.85 -36.44
CA LEU B 456 10.69 -16.34 -37.78
C LEU B 456 10.41 -14.85 -37.67
N PRO B 457 11.14 -14.02 -38.43
CA PRO B 457 10.77 -12.62 -38.48
C PRO B 457 9.28 -12.51 -38.75
N SER B 458 8.60 -11.56 -38.09
CA SER B 458 7.16 -11.42 -38.25
C SER B 458 6.74 -9.96 -38.24
N ARG B 459 5.51 -9.71 -38.67
CA ARG B 459 4.98 -8.36 -38.74
C ARG B 459 3.49 -8.41 -38.50
N LEU B 460 3.03 -7.44 -37.70
CA LEU B 460 1.64 -7.29 -37.34
C LEU B 460 1.24 -5.86 -37.66
N VAL B 461 0.16 -5.73 -38.43
CA VAL B 461 -0.28 -4.44 -38.94
C VAL B 461 -1.80 -4.31 -38.74
N ARG B 462 -2.21 -3.13 -38.28
CA ARG B 462 -3.60 -2.80 -38.05
C ARG B 462 -4.14 -2.05 -39.26
N VAL B 463 -5.03 -2.71 -39.99
CA VAL B 463 -5.55 -2.15 -41.22
C VAL B 463 -6.96 -1.65 -41.01
N GLU B 464 -7.14 -0.34 -41.13
CA GLU B 464 -8.47 0.25 -41.08
C GLU B 464 -9.33 -0.23 -42.25
N VAL B 465 -10.64 -0.34 -42.02
CA VAL B 465 -11.62 -0.76 -43.02
C VAL B 465 -12.96 -0.08 -42.72
N ALA B 466 -13.90 -0.16 -43.67
CA ALA B 466 -15.21 0.50 -43.55
C ALA B 466 -16.17 -0.21 -42.59
N GLU B 467 -16.16 -1.53 -42.60
CA GLU B 467 -16.96 -2.35 -41.68
C GLU B 467 -16.25 -3.66 -41.37
N ARG B 468 -15.87 -3.79 -40.11
CA ARG B 468 -15.22 -4.98 -39.61
C ARG B 468 -16.11 -6.21 -39.84
N SER B 469 -17.42 -6.04 -39.68
CA SER B 469 -18.42 -7.08 -39.85
C SER B 469 -18.27 -8.04 -41.06
N ILE B 470 -17.70 -7.58 -42.16
CA ILE B 470 -17.69 -8.38 -43.41
C ILE B 470 -16.52 -9.36 -43.53
N PHE B 471 -15.59 -9.29 -42.57
CA PHE B 471 -14.48 -10.23 -42.50
C PHE B 471 -14.87 -11.33 -41.52
N LYS B 472 -15.23 -12.50 -42.07
CA LYS B 472 -15.63 -13.65 -41.25
C LYS B 472 -14.62 -14.79 -41.39
N ALA B 473 -14.15 -15.29 -40.25
CA ALA B 473 -13.04 -16.26 -40.20
C ALA B 473 -13.44 -17.63 -39.63
N TYR B 474 -12.69 -18.67 -40.01
CA TYR B 474 -12.85 -20.03 -39.46
C TYR B 474 -11.50 -20.75 -39.39
N ASP B 475 -11.53 -22.03 -39.00
CA ASP B 475 -10.32 -22.82 -38.83
C ASP B 475 -9.32 -22.07 -37.92
N ALA B 476 -9.75 -21.89 -36.66
CA ALA B 476 -8.96 -21.16 -35.68
C ALA B 476 -8.49 -19.80 -36.21
N GLU B 477 -9.36 -19.18 -37.00
CA GLU B 477 -9.24 -17.79 -37.47
C GLU B 477 -8.10 -17.58 -38.45
N ARG B 478 -7.64 -18.69 -39.03
CA ARG B 478 -6.53 -18.67 -39.96
C ARG B 478 -7.01 -18.64 -41.40
N LYS B 479 -8.34 -18.62 -41.57
CA LYS B 479 -8.96 -18.57 -42.90
C LYS B 479 -10.16 -17.63 -42.93
N LEU B 480 -10.27 -16.84 -44.00
CA LEU B 480 -11.47 -16.02 -44.24
C LEU B 480 -12.49 -16.67 -45.18
N GLU B 481 -13.71 -16.75 -44.68
CA GLU B 481 -14.86 -17.15 -45.46
C GLU B 481 -15.31 -15.95 -46.29
N SER B 482 -15.23 -14.78 -45.67
CA SER B 482 -15.74 -13.54 -46.22
C SER B 482 -14.71 -12.42 -46.01
N PRO B 483 -14.57 -11.48 -46.96
CA PRO B 483 -15.27 -11.34 -48.25
C PRO B 483 -14.74 -12.33 -49.29
N PRO B 484 -15.53 -12.63 -50.35
CA PRO B 484 -15.11 -13.53 -51.41
C PRO B 484 -13.69 -13.27 -51.93
N GLY B 485 -12.95 -14.35 -52.22
CA GLY B 485 -11.67 -14.28 -52.92
C GLY B 485 -10.47 -13.82 -52.13
N LEU B 486 -10.71 -13.14 -51.00
CA LEU B 486 -9.62 -12.61 -50.19
C LEU B 486 -8.69 -13.72 -49.73
N GLN B 487 -9.27 -14.84 -49.26
CA GLN B 487 -8.46 -15.93 -48.72
C GLN B 487 -7.60 -16.59 -49.79
N ALA B 488 -8.23 -16.93 -50.90
CA ALA B 488 -7.51 -17.47 -52.06
C ALA B 488 -6.29 -16.59 -52.42
N LYS B 489 -6.48 -15.27 -52.34
CA LYS B 489 -5.39 -14.33 -52.61
C LYS B 489 -4.32 -14.34 -51.49
N ILE B 490 -4.74 -14.42 -50.24
CA ILE B 490 -3.81 -14.58 -49.11
C ILE B 490 -3.00 -15.88 -49.24
N ASP B 491 -3.70 -16.99 -49.53
CA ASP B 491 -3.05 -18.27 -49.78
C ASP B 491 -1.96 -18.13 -50.84
N SER B 492 -2.33 -17.58 -51.99
CA SER B 492 -1.38 -17.41 -53.09
C SER B 492 -0.17 -16.47 -52.77
N LEU B 493 -0.42 -15.43 -51.98
CA LEU B 493 0.64 -14.51 -51.57
C LEU B 493 1.65 -15.19 -50.63
N GLN B 494 1.15 -15.83 -49.57
CA GLN B 494 2.01 -16.50 -48.59
C GLN B 494 2.92 -17.57 -49.18
N SER B 495 2.47 -18.17 -50.28
CA SER B 495 3.25 -19.16 -51.03
C SER B 495 4.51 -18.61 -51.69
N ARG B 496 4.57 -17.31 -51.97
CA ARG B 496 5.71 -16.77 -52.74
C ARG B 496 6.98 -16.62 -51.88
N TYR B 497 6.86 -16.93 -50.58
CA TYR B 497 7.92 -16.67 -49.61
C TYR B 497 8.33 -17.90 -48.82
N ASN B 498 9.63 -18.00 -48.57
CA ASN B 498 10.19 -19.00 -47.67
C ASN B 498 9.47 -19.04 -46.32
N LYS B 499 8.89 -20.19 -46.00
CA LYS B 499 8.08 -20.37 -44.78
C LYS B 499 7.02 -19.27 -44.62
N GLY B 500 6.54 -18.76 -45.75
CA GLY B 500 5.47 -17.76 -45.74
C GLY B 500 4.19 -18.26 -45.09
N ARG B 501 3.70 -17.46 -44.14
CA ARG B 501 2.42 -17.67 -43.48
C ARG B 501 1.81 -16.35 -43.04
N SER B 502 0.59 -16.08 -43.49
CA SER B 502 -0.09 -14.83 -43.20
C SER B 502 -1.58 -15.08 -42.99
N PHE B 503 -2.23 -14.30 -42.12
CA PHE B 503 -3.69 -14.40 -41.98
C PHE B 503 -4.28 -13.08 -41.49
N ALA B 504 -5.52 -12.81 -41.87
CA ALA B 504 -6.16 -11.58 -41.51
C ALA B 504 -7.44 -11.87 -40.74
N ARG B 505 -7.67 -11.10 -39.68
CA ARG B 505 -8.89 -11.23 -38.90
C ARG B 505 -9.33 -9.92 -38.29
N ALA B 506 -10.65 -9.66 -38.33
CA ALA B 506 -11.24 -8.50 -37.68
C ALA B 506 -10.93 -8.53 -36.18
N SER B 507 -11.06 -7.39 -35.50
CA SER B 507 -10.86 -7.39 -34.04
C SER B 507 -12.16 -7.43 -33.24
N GLY B 508 -13.30 -7.34 -33.94
CA GLY B 508 -14.61 -7.47 -33.29
C GLY B 508 -14.99 -6.32 -32.36
N THR B 509 -13.97 -5.66 -31.81
CA THR B 509 -14.18 -4.55 -30.87
C THR B 509 -14.15 -3.21 -31.60
N GLU B 510 -13.36 -3.14 -32.68
CA GLU B 510 -13.03 -1.86 -33.31
C GLU B 510 -13.75 -1.63 -34.63
N ASP B 511 -12.97 -1.38 -35.69
CA ASP B 511 -13.45 -1.24 -37.05
C ASP B 511 -12.21 -1.38 -37.95
N ALA B 512 -11.39 -2.36 -37.60
CA ALA B 512 -10.13 -2.62 -38.28
C ALA B 512 -9.87 -4.12 -38.37
N VAL B 513 -8.97 -4.52 -39.28
CA VAL B 513 -8.54 -5.91 -39.37
C VAL B 513 -7.02 -6.06 -39.21
N ARG B 514 -6.63 -7.08 -38.46
CA ARG B 514 -5.25 -7.32 -38.12
C ARG B 514 -4.66 -8.25 -39.12
N VAL B 515 -3.46 -7.92 -39.59
CA VAL B 515 -2.75 -8.80 -40.52
C VAL B 515 -1.44 -9.23 -39.88
N TYR B 516 -1.28 -10.54 -39.76
CA TYR B 516 -0.03 -11.14 -39.33
C TYR B 516 0.67 -11.77 -40.54
N ALA B 517 1.99 -11.62 -40.62
CA ALA B 517 2.78 -12.39 -41.56
C ALA B 517 4.13 -12.74 -40.98
N GLU B 518 4.64 -13.94 -41.32
CA GLU B 518 5.98 -14.39 -40.97
C GLU B 518 6.61 -15.02 -42.19
N ALA B 519 7.93 -14.99 -42.24
CA ALA B 519 8.71 -15.67 -43.26
C ALA B 519 10.13 -15.88 -42.73
N ALA B 520 10.99 -16.45 -43.57
CA ALA B 520 12.35 -16.82 -43.18
C ALA B 520 13.29 -15.63 -42.99
N SER B 521 12.95 -14.50 -43.61
CA SER B 521 13.76 -13.28 -43.48
C SER B 521 12.90 -12.05 -43.21
N ARG B 522 13.58 -10.95 -42.86
CA ARG B 522 12.99 -9.64 -42.61
C ARG B 522 12.16 -9.09 -43.75
N SER B 523 12.77 -8.95 -44.93
CA SER B 523 12.11 -8.28 -46.05
C SER B 523 10.95 -9.12 -46.59
N GLU B 524 11.15 -10.44 -46.59
CA GLU B 524 10.08 -11.37 -46.96
C GLU B 524 8.87 -11.21 -46.08
N ALA B 525 9.06 -11.23 -44.76
CA ALA B 525 7.90 -11.13 -43.87
C ALA B 525 7.26 -9.75 -44.01
N ASP B 526 8.10 -8.71 -44.08
CA ASP B 526 7.64 -7.34 -44.29
C ASP B 526 6.84 -7.19 -45.58
N ASP B 527 7.38 -7.71 -46.68
CA ASP B 527 6.73 -7.58 -47.98
C ASP B 527 5.40 -8.37 -48.04
N LEU B 528 5.39 -9.56 -47.46
CA LEU B 528 4.19 -10.40 -47.40
C LEU B 528 3.10 -9.71 -46.59
N ALA B 529 3.45 -9.20 -45.41
CA ALA B 529 2.53 -8.46 -44.56
C ALA B 529 1.88 -7.31 -45.35
N THR B 530 2.70 -6.52 -46.05
CA THR B 530 2.25 -5.36 -46.80
C THR B 530 1.27 -5.70 -47.95
N ARG B 531 1.57 -6.75 -48.70
CA ARG B 531 0.65 -7.13 -49.78
C ARG B 531 -0.67 -7.61 -49.19
N VAL B 532 -0.62 -8.43 -48.16
CA VAL B 532 -1.88 -8.84 -47.55
C VAL B 532 -2.63 -7.62 -47.01
N ALA B 533 -1.93 -6.76 -46.27
CA ALA B 533 -2.48 -5.48 -45.79
C ALA B 533 -3.14 -4.68 -46.91
N ASN B 534 -2.48 -4.61 -48.06
CA ASN B 534 -3.03 -3.80 -49.17
C ASN B 534 -4.30 -4.44 -49.70
N ALA B 535 -4.29 -5.77 -49.79
CA ALA B 535 -5.44 -6.52 -50.26
C ALA B 535 -6.60 -6.36 -49.29
N VAL B 536 -6.30 -6.40 -48.00
CA VAL B 536 -7.33 -6.23 -46.97
C VAL B 536 -7.95 -4.84 -47.09
N ARG B 537 -7.09 -3.83 -47.08
CA ARG B 537 -7.47 -2.43 -47.29
C ARG B 537 -8.40 -2.30 -48.49
N ASP B 538 -7.99 -2.93 -49.58
CA ASP B 538 -8.74 -2.98 -50.84
C ASP B 538 -10.14 -3.59 -50.62
N ALA B 539 -10.17 -4.83 -50.09
CA ALA B 539 -11.40 -5.53 -49.77
C ALA B 539 -12.28 -4.75 -48.80
N GLY B 540 -11.65 -3.97 -47.91
CA GLY B 540 -12.36 -3.18 -46.91
C GLY B 540 -12.95 -1.85 -47.35
N THR B 541 -13.06 -1.63 -48.66
CA THR B 541 -13.75 -0.43 -49.21
C THR B 541 -14.89 -0.82 -50.16
N VAL B 542 -16.04 -0.14 -50.01
CA VAL B 542 -17.31 -0.53 -50.64
C VAL B 542 -17.20 -0.77 -52.16
#